data_2QZ9
#
_entry.id   2QZ9
#
_cell.length_a   119.327
_cell.length_b   85.655
_cell.length_c   116.101
_cell.angle_alpha   90.00
_cell.angle_beta   103.69
_cell.angle_gamma   90.00
#
_symmetry.space_group_name_H-M   'C 1 2 1'
#
loop_
_entity.id
_entity.type
_entity.pdbx_description
1 polymer 'Aspartate-semialdehyde dehydrogenase'
2 water water
#
_entity_poly.entity_id   1
_entity_poly.type   'polypeptide(L)'
_entity_poly.pdbx_seq_one_letter_code
;SQQFNVAIFGATGAVGETMLEVLQEREFPVDELFLLASERSEGKTYRFNGKTVRVQNVEEFDWSQVHIALFSAGGELSAK
WAPIAAEAGVVVIDNTSHFRYDYDIPLVVPEVNPEAIAEFRNRNIIANPNCSTIQMLVALKPIYDAVGIERINVTTYQSV
SGAGKAGIDELAGQTAKLLNGYPAETNTFSQQIAFNCIPQIDQFMDNGYTKEEMKMVWETQKIFNDPSIMVNPTCVRVPV
FYGHAEAVHVETRAPIDAEQVMDMLEQTDGIELFRGADFPTQVRDAGGKDHVLVGRVRNDISHHSGINLWVVADNVRKGA
ATNAVQIAELLVRDYF
;
_entity_poly.pdbx_strand_id   A,B,C
#
# COMPACT_ATOMS: atom_id res chain seq x y z
N SER A 1 -1.95 -33.52 29.62
CA SER A 1 -0.51 -33.90 29.56
C SER A 1 -0.09 -34.45 28.19
N GLN A 2 -1.00 -34.41 27.22
CA GLN A 2 -0.69 -34.78 25.84
C GLN A 2 0.21 -33.71 25.20
N GLN A 3 1.35 -34.14 24.67
CA GLN A 3 2.34 -33.20 24.13
C GLN A 3 2.51 -33.34 22.61
N PHE A 4 2.86 -32.24 21.95
CA PHE A 4 2.94 -32.20 20.51
C PHE A 4 4.31 -31.75 20.00
N ASN A 5 4.78 -32.38 18.92
CA ASN A 5 5.99 -31.93 18.24
C ASN A 5 5.64 -30.74 17.35
N VAL A 6 6.45 -29.68 17.44
CA VAL A 6 6.14 -28.42 16.77
C VAL A 6 7.33 -27.89 15.96
N ALA A 7 7.08 -27.58 14.68
CA ALA A 7 8.07 -26.90 13.86
C ALA A 7 7.71 -25.42 13.67
N ILE A 8 8.73 -24.58 13.69
CA ILE A 8 8.59 -23.20 13.27
C ILE A 8 9.50 -23.03 12.07
N PHE A 9 8.88 -22.68 10.94
CA PHE A 9 9.60 -22.45 9.69
C PHE A 9 9.68 -20.93 9.47
N GLY A 10 10.90 -20.42 9.36
CA GLY A 10 11.16 -18.99 9.41
C GLY A 10 11.63 -18.54 10.80
N ALA A 11 12.36 -19.42 11.47
CA ALA A 11 12.78 -19.23 12.86
C ALA A 11 13.69 -18.03 13.12
N THR A 12 14.39 -17.54 12.10
CA THR A 12 15.30 -16.40 12.31
C THR A 12 14.67 -15.02 12.04
N GLY A 13 13.40 -15.02 11.63
CA GLY A 13 12.67 -13.78 11.39
C GLY A 13 12.00 -13.29 12.65
N ALA A 14 11.65 -12.01 12.66
CA ALA A 14 10.98 -11.40 13.82
C ALA A 14 9.75 -12.19 14.26
N VAL A 15 8.92 -12.60 13.31
CA VAL A 15 7.72 -13.37 13.67
C VAL A 15 8.05 -14.80 14.12
N GLY A 16 8.96 -15.48 13.41
CA GLY A 16 9.40 -16.82 13.83
C GLY A 16 9.98 -16.76 15.23
N GLU A 17 10.83 -15.76 15.50
CA GLU A 17 11.45 -15.60 16.82
C GLU A 17 10.41 -15.35 17.91
N THR A 18 9.39 -14.53 17.58
CA THR A 18 8.29 -14.25 18.49
C THR A 18 7.37 -15.44 18.70
N MET A 19 7.15 -16.25 17.67
CA MET A 19 6.37 -17.49 17.80
C MET A 19 6.97 -18.41 18.88
N LEU A 20 8.30 -18.55 18.86
CA LEU A 20 9.03 -19.26 19.90
C LEU A 20 8.75 -18.65 21.29
N GLU A 21 8.95 -17.33 21.43
CA GLU A 21 8.67 -16.63 22.71
C GLU A 21 7.25 -16.85 23.20
N VAL A 22 6.26 -16.66 22.31
CA VAL A 22 4.85 -16.88 22.64
C VAL A 22 4.56 -18.33 23.02
N LEU A 23 5.16 -19.28 22.30
CA LEU A 23 5.03 -20.70 22.68
C LEU A 23 5.52 -20.90 24.13
N GLN A 24 6.65 -20.30 24.46
CA GLN A 24 7.24 -20.37 25.78
C GLN A 24 6.32 -19.68 26.82
N GLU A 25 5.98 -18.42 26.58
CA GLU A 25 5.13 -17.63 27.48
C GLU A 25 3.75 -18.21 27.73
N ARG A 26 3.14 -18.80 26.71
CA ARG A 26 1.77 -19.32 26.87
C ARG A 26 1.79 -20.80 27.29
N GLU A 27 3.00 -21.31 27.54
CA GLU A 27 3.23 -22.68 28.02
C GLU A 27 2.51 -23.68 27.12
N PHE A 28 2.76 -23.61 25.82
CA PHE A 28 2.12 -24.53 24.88
C PHE A 28 2.65 -25.93 25.20
N PRO A 29 1.80 -26.97 25.13
CA PRO A 29 2.25 -28.36 25.36
C PRO A 29 3.17 -28.94 24.27
N VAL A 30 4.42 -28.47 24.23
CA VAL A 30 5.39 -28.91 23.23
C VAL A 30 6.27 -30.05 23.77
N ASP A 31 6.31 -31.17 23.04
CA ASP A 31 7.26 -32.24 23.31
C ASP A 31 8.58 -31.78 22.73
N GLU A 32 8.68 -31.77 21.40
CA GLU A 32 9.90 -31.27 20.77
C GLU A 32 9.61 -30.12 19.82
N LEU A 33 10.52 -29.15 19.82
CA LEU A 33 10.46 -28.00 18.94
C LEU A 33 11.58 -28.13 17.94
N PHE A 34 11.23 -27.99 16.67
CA PHE A 34 12.21 -27.92 15.61
C PHE A 34 12.17 -26.51 15.03
N LEU A 35 13.35 -25.96 14.76
CA LEU A 35 13.49 -24.65 14.14
C LEU A 35 14.10 -24.79 12.75
N LEU A 36 13.38 -24.24 11.77
CA LEU A 36 13.70 -24.44 10.36
C LEU A 36 13.94 -23.14 9.65
N ALA A 37 14.93 -23.14 8.76
CA ALA A 37 15.23 -22.02 7.90
C ALA A 37 16.02 -22.47 6.68
N SER A 38 16.52 -21.51 5.90
CA SER A 38 17.44 -21.79 4.80
C SER A 38 18.80 -22.26 5.34
N GLU A 39 19.76 -22.48 4.44
CA GLU A 39 21.07 -23.03 4.81
C GLU A 39 21.96 -22.05 5.57
N ARG A 40 21.88 -20.76 5.22
CA ARG A 40 22.75 -19.75 5.82
C ARG A 40 22.46 -19.58 7.32
N SER A 41 21.18 -19.69 7.67
CA SER A 41 20.73 -19.55 9.06
C SER A 41 21.01 -20.80 9.88
N GLU A 42 21.29 -21.91 9.20
CA GLU A 42 21.60 -23.19 9.84
C GLU A 42 22.72 -23.07 10.88
N GLY A 43 22.49 -23.61 12.06
CA GLY A 43 23.49 -23.61 13.14
C GLY A 43 23.29 -22.52 14.18
N LYS A 44 22.48 -21.51 13.85
CA LYS A 44 22.06 -20.49 14.80
C LYS A 44 21.36 -21.20 15.96
N THR A 45 21.44 -20.60 17.14
CA THR A 45 20.88 -21.18 18.36
C THR A 45 19.84 -20.26 18.99
N TYR A 46 18.82 -20.87 19.59
CA TYR A 46 17.79 -20.18 20.36
C TYR A 46 17.49 -21.04 21.58
N ARG A 47 17.00 -20.39 22.64
CA ARG A 47 16.64 -21.11 23.87
C ARG A 47 15.15 -21.31 23.95
N PHE A 48 14.73 -22.56 24.16
CA PHE A 48 13.33 -22.82 24.40
C PHE A 48 13.19 -23.69 25.63
N ASN A 49 12.41 -23.19 26.59
CA ASN A 49 12.23 -23.86 27.88
C ASN A 49 13.56 -24.31 28.52
N GLY A 50 14.58 -23.47 28.40
CA GLY A 50 15.85 -23.69 29.08
C GLY A 50 16.91 -24.41 28.26
N LYS A 51 16.52 -24.96 27.11
CA LYS A 51 17.40 -25.81 26.30
C LYS A 51 17.70 -25.17 24.95
N THR A 52 18.97 -25.19 24.55
CA THR A 52 19.38 -24.73 23.23
C THR A 52 18.80 -25.59 22.09
N VAL A 53 18.10 -24.93 21.18
CA VAL A 53 17.61 -25.55 19.94
C VAL A 53 18.33 -24.94 18.73
N ARG A 54 18.81 -25.82 17.86
CA ARG A 54 19.58 -25.38 16.72
C ARG A 54 18.70 -25.31 15.44
N VAL A 55 18.85 -24.21 14.71
CA VAL A 55 18.16 -24.02 13.44
C VAL A 55 18.75 -24.94 12.37
N GLN A 56 17.89 -25.73 11.75
CA GLN A 56 18.32 -26.62 10.67
C GLN A 56 17.69 -26.31 9.31
N ASN A 57 18.37 -26.74 8.25
CA ASN A 57 17.95 -26.55 6.87
C ASN A 57 16.62 -27.23 6.60
N VAL A 58 15.66 -26.50 6.05
CA VAL A 58 14.36 -27.06 5.69
C VAL A 58 14.46 -28.17 4.62
N GLU A 59 15.43 -28.03 3.71
CA GLU A 59 15.69 -29.01 2.63
C GLU A 59 15.95 -30.42 3.17
N GLU A 60 16.54 -30.49 4.36
CA GLU A 60 16.96 -31.76 4.96
C GLU A 60 16.01 -32.27 6.04
N PHE A 61 14.92 -31.54 6.28
CA PHE A 61 14.02 -31.83 7.40
C PHE A 61 12.98 -32.90 7.09
N ASP A 62 12.85 -33.85 8.00
CA ASP A 62 11.84 -34.89 7.91
C ASP A 62 10.60 -34.39 8.61
N TRP A 63 9.58 -34.08 7.81
CA TRP A 63 8.30 -33.53 8.29
C TRP A 63 7.48 -34.48 9.14
N SER A 64 7.77 -35.77 9.10
CA SER A 64 6.98 -36.77 9.84
C SER A 64 7.23 -36.68 11.35
N GLN A 65 8.28 -35.95 11.74
CA GLN A 65 8.60 -35.73 13.17
C GLN A 65 7.62 -34.80 13.88
N VAL A 66 6.72 -34.16 13.12
CA VAL A 66 5.98 -32.99 13.62
C VAL A 66 4.45 -33.09 13.49
N HIS A 67 3.72 -32.62 14.49
CA HIS A 67 2.24 -32.54 14.44
C HIS A 67 1.76 -31.24 13.80
N ILE A 68 2.40 -30.14 14.19
CA ILE A 68 1.97 -28.81 13.80
C ILE A 68 3.20 -28.04 13.37
N ALA A 69 3.06 -27.30 12.28
CA ALA A 69 4.07 -26.33 11.87
C ALA A 69 3.46 -24.94 11.86
N LEU A 70 4.19 -23.98 12.38
CA LEU A 70 3.83 -22.56 12.25
C LEU A 70 4.77 -21.95 11.21
N PHE A 71 4.23 -21.52 10.06
CA PHE A 71 5.05 -20.97 8.98
C PHE A 71 5.08 -19.43 9.01
N SER A 72 6.27 -18.84 8.93
CA SER A 72 6.42 -17.40 8.67
C SER A 72 7.74 -17.04 7.99
N ALA A 73 7.98 -17.66 6.83
CA ALA A 73 9.22 -17.44 6.08
C ALA A 73 8.97 -16.81 4.70
N GLY A 74 7.84 -16.10 4.56
CA GLY A 74 7.49 -15.45 3.29
C GLY A 74 6.65 -16.33 2.36
N GLY A 75 5.87 -15.70 1.49
CA GLY A 75 4.94 -16.42 0.61
C GLY A 75 5.53 -17.46 -0.32
N GLU A 76 6.71 -17.19 -0.87
CA GLU A 76 7.35 -18.15 -1.78
C GLU A 76 7.66 -19.49 -1.10
N LEU A 77 8.26 -19.41 0.09
CA LEU A 77 8.60 -20.61 0.86
C LEU A 77 7.37 -21.35 1.38
N SER A 78 6.30 -20.62 1.72
CA SER A 78 5.05 -21.26 2.11
C SER A 78 4.41 -22.00 0.95
N ALA A 79 4.47 -21.41 -0.24
CA ALA A 79 3.94 -22.07 -1.45
C ALA A 79 4.71 -23.36 -1.77
N LYS A 80 6.02 -23.28 -1.63
CA LYS A 80 6.91 -24.41 -1.85
C LYS A 80 6.74 -25.49 -0.77
N TRP A 81 6.89 -25.11 0.50
CA TRP A 81 6.98 -26.07 1.59
C TRP A 81 5.70 -26.51 2.30
N ALA A 82 4.67 -25.66 2.34
CA ALA A 82 3.43 -26.04 3.01
C ALA A 82 2.75 -27.29 2.44
N PRO A 83 2.64 -27.41 1.10
CA PRO A 83 2.02 -28.62 0.53
C PRO A 83 2.81 -29.89 0.92
N ILE A 84 4.13 -29.75 1.01
CA ILE A 84 5.05 -30.84 1.40
C ILE A 84 4.84 -31.27 2.86
N ALA A 85 4.80 -30.31 3.79
CA ALA A 85 4.48 -30.60 5.19
C ALA A 85 3.08 -31.18 5.33
N ALA A 86 2.13 -30.61 4.58
CA ALA A 86 0.73 -31.08 4.60
C ALA A 86 0.57 -32.50 4.04
N GLU A 87 1.25 -32.79 2.94
CA GLU A 87 1.30 -34.13 2.39
C GLU A 87 1.78 -35.13 3.46
N ALA A 88 2.75 -34.72 4.28
CA ALA A 88 3.31 -35.59 5.31
C ALA A 88 2.43 -35.74 6.55
N GLY A 89 1.24 -35.13 6.56
CA GLY A 89 0.36 -35.24 7.72
C GLY A 89 0.52 -34.15 8.78
N VAL A 90 1.35 -33.14 8.49
CA VAL A 90 1.53 -32.00 9.40
C VAL A 90 0.42 -30.97 9.13
N VAL A 91 -0.18 -30.44 10.20
CA VAL A 91 -1.10 -29.30 10.04
C VAL A 91 -0.31 -27.99 10.07
N VAL A 92 -0.41 -27.24 8.97
CA VAL A 92 0.35 -26.01 8.78
C VAL A 92 -0.50 -24.81 9.15
N ILE A 93 0.01 -23.94 10.02
CA ILE A 93 -0.62 -22.66 10.31
C ILE A 93 0.29 -21.65 9.65
N ASP A 94 -0.22 -21.01 8.60
CA ASP A 94 0.60 -20.25 7.67
C ASP A 94 0.47 -18.75 7.88
N ASN A 95 1.53 -18.13 8.37
CA ASN A 95 1.59 -16.66 8.46
C ASN A 95 2.20 -16.04 7.20
N THR A 96 1.52 -16.24 6.07
CA THR A 96 1.83 -15.51 4.85
C THR A 96 0.48 -15.23 4.18
N SER A 97 0.49 -14.48 3.10
CA SER A 97 -0.75 -14.20 2.39
C SER A 97 -1.11 -15.31 1.41
N HIS A 98 -0.15 -16.21 1.16
CA HIS A 98 -0.27 -17.18 0.07
C HIS A 98 -1.55 -17.98 0.01
N PHE A 99 -2.00 -18.53 1.13
CA PHE A 99 -3.17 -19.43 1.10
C PHE A 99 -4.47 -18.76 1.53
N ARG A 100 -4.40 -17.48 1.87
CA ARG A 100 -5.54 -16.76 2.48
C ARG A 100 -6.79 -16.74 1.62
N TYR A 101 -6.60 -16.64 0.30
CA TYR A 101 -7.70 -16.42 -0.64
C TYR A 101 -8.03 -17.69 -1.39
N ASP A 102 -7.28 -18.75 -1.14
CA ASP A 102 -7.61 -20.09 -1.69
C ASP A 102 -8.97 -20.49 -1.18
N TYR A 103 -9.83 -20.84 -2.12
CA TYR A 103 -11.25 -21.08 -1.86
C TYR A 103 -11.55 -22.03 -0.68
N ASP A 104 -10.83 -23.14 -0.54
CA ASP A 104 -11.13 -24.11 0.54
C ASP A 104 -10.23 -24.09 1.80
N ILE A 105 -9.31 -23.14 1.87
CA ILE A 105 -8.50 -22.99 3.09
C ILE A 105 -9.13 -21.98 4.06
N PRO A 106 -9.33 -22.38 5.32
CA PRO A 106 -9.89 -21.43 6.30
C PRO A 106 -8.95 -20.25 6.65
N LEU A 107 -9.53 -19.08 6.88
CA LEU A 107 -8.81 -17.88 7.31
C LEU A 107 -9.35 -17.45 8.67
N VAL A 108 -8.51 -17.57 9.71
CA VAL A 108 -9.03 -17.60 11.07
C VAL A 108 -8.52 -16.51 12.01
N VAL A 109 -9.46 -15.84 12.69
CA VAL A 109 -9.16 -15.09 13.90
C VAL A 109 -9.94 -15.80 14.99
N PRO A 110 -9.23 -16.35 15.99
CA PRO A 110 -9.81 -17.22 17.01
C PRO A 110 -10.96 -16.60 17.83
N GLU A 111 -10.88 -15.29 18.07
CA GLU A 111 -11.95 -14.53 18.72
C GLU A 111 -13.19 -14.38 17.83
N VAL A 112 -13.03 -14.64 16.54
CA VAL A 112 -14.06 -14.28 15.57
C VAL A 112 -14.73 -15.51 14.93
N ASN A 113 -13.96 -16.32 14.21
CA ASN A 113 -14.49 -17.49 13.49
C ASN A 113 -13.71 -18.76 13.81
N PRO A 114 -13.66 -19.15 15.11
CA PRO A 114 -12.87 -20.31 15.49
C PRO A 114 -13.49 -21.63 15.02
N GLU A 115 -14.75 -21.57 14.58
CA GLU A 115 -15.44 -22.74 14.02
C GLU A 115 -14.75 -23.18 12.74
N ALA A 116 -14.22 -22.19 12.00
CA ALA A 116 -13.64 -22.42 10.70
C ALA A 116 -12.43 -23.32 10.78
N ILE A 117 -11.78 -23.37 11.94
CA ILE A 117 -10.63 -24.24 12.17
C ILE A 117 -10.91 -25.67 11.69
N ALA A 118 -12.14 -26.16 11.91
CA ALA A 118 -12.54 -27.51 11.51
C ALA A 118 -12.22 -27.83 10.05
N GLU A 119 -12.12 -26.78 9.23
CA GLU A 119 -11.82 -26.93 7.81
C GLU A 119 -10.33 -27.16 7.50
N PHE A 120 -9.54 -27.37 8.57
CA PHE A 120 -8.10 -27.67 8.42
C PHE A 120 -7.85 -28.98 7.65
N ARG A 121 -8.81 -29.91 7.71
CA ARG A 121 -8.71 -31.20 7.02
C ARG A 121 -8.72 -31.13 5.48
N ASN A 122 -9.23 -30.02 4.93
CA ASN A 122 -9.27 -29.80 3.48
C ASN A 122 -7.92 -29.89 2.78
N ARG A 123 -6.92 -29.22 3.35
CA ARG A 123 -5.59 -29.19 2.76
C ARG A 123 -4.48 -29.32 3.82
N ASN A 124 -4.87 -29.66 5.05
CA ASN A 124 -3.97 -29.59 6.23
C ASN A 124 -3.31 -28.21 6.46
N ILE A 125 -3.99 -27.16 6.02
CA ILE A 125 -3.49 -25.78 6.10
C ILE A 125 -4.56 -24.88 6.72
N ILE A 126 -4.12 -24.02 7.65
CA ILE A 126 -4.93 -22.90 8.14
C ILE A 126 -4.16 -21.62 7.85
N ALA A 127 -4.85 -20.62 7.29
CA ALA A 127 -4.19 -19.35 7.00
C ALA A 127 -4.41 -18.36 8.15
N ASN A 128 -3.33 -17.65 8.46
CA ASN A 128 -3.27 -16.62 9.47
C ASN A 128 -3.52 -15.30 8.72
N PRO A 129 -4.55 -14.52 9.11
CA PRO A 129 -4.81 -13.29 8.38
C PRO A 129 -3.75 -12.19 8.55
N ASN A 130 -3.89 -11.16 7.72
CA ASN A 130 -3.06 -9.97 7.77
C ASN A 130 -3.24 -9.20 9.10
N CYS A 131 -2.16 -8.64 9.62
CA CYS A 131 -2.19 -7.98 10.93
C CYS A 131 -3.30 -6.96 11.10
N SER A 132 -3.45 -6.05 10.14
CA SER A 132 -4.42 -4.96 10.17
C SER A 132 -5.85 -5.46 10.26
N THR A 133 -6.13 -6.52 9.52
CA THR A 133 -7.42 -7.18 9.53
C THR A 133 -7.70 -7.83 10.89
N ILE A 134 -6.76 -8.64 11.39
CA ILE A 134 -6.89 -9.26 12.73
C ILE A 134 -7.37 -8.27 13.79
N GLN A 135 -6.63 -7.18 13.98
CA GLN A 135 -6.95 -6.24 15.07
C GLN A 135 -8.25 -5.49 14.86
N MET A 136 -8.57 -5.19 13.61
CA MET A 136 -9.82 -4.51 13.29
C MET A 136 -11.01 -5.42 13.57
N LEU A 137 -10.89 -6.70 13.18
CA LEU A 137 -12.00 -7.61 13.31
C LEU A 137 -12.23 -8.04 14.75
N VAL A 138 -11.16 -8.22 15.52
CA VAL A 138 -11.31 -8.46 16.97
C VAL A 138 -12.11 -7.32 17.62
N ALA A 139 -11.74 -6.07 17.33
CA ALA A 139 -12.44 -4.91 17.89
C ALA A 139 -13.90 -4.79 17.42
N LEU A 140 -14.16 -5.11 16.14
CA LEU A 140 -15.49 -4.95 15.54
C LEU A 140 -16.46 -6.10 15.76
N LYS A 141 -15.94 -7.30 16.07
CA LYS A 141 -16.77 -8.50 16.29
C LYS A 141 -17.97 -8.29 17.25
N PRO A 142 -17.75 -7.71 18.46
CA PRO A 142 -18.86 -7.45 19.39
C PRO A 142 -19.94 -6.56 18.81
N ILE A 143 -19.52 -5.55 18.04
CA ILE A 143 -20.42 -4.61 17.37
C ILE A 143 -21.20 -5.35 16.29
N TYR A 144 -20.48 -6.16 15.51
CA TYR A 144 -21.05 -6.94 14.41
C TYR A 144 -22.13 -7.88 14.93
N ASP A 145 -21.84 -8.55 16.04
CA ASP A 145 -22.75 -9.51 16.64
C ASP A 145 -24.01 -8.83 17.14
N ALA A 146 -23.82 -7.75 17.89
CA ALA A 146 -24.93 -7.04 18.53
C ALA A 146 -25.89 -6.43 17.49
N VAL A 147 -25.36 -5.77 16.47
CA VAL A 147 -26.19 -4.94 15.59
C VAL A 147 -25.85 -4.98 14.10
N GLY A 148 -24.84 -5.75 13.70
CA GLY A 148 -24.45 -5.82 12.29
C GLY A 148 -23.64 -4.63 11.82
N ILE A 149 -22.89 -4.81 10.73
CA ILE A 149 -22.09 -3.74 10.13
C ILE A 149 -22.35 -3.73 8.65
N GLU A 150 -22.71 -2.56 8.13
CA GLU A 150 -22.97 -2.40 6.70
C GLU A 150 -21.72 -1.91 5.96
N ARG A 151 -21.01 -0.94 6.55
CA ARG A 151 -19.86 -0.31 5.88
C ARG A 151 -18.75 0.11 6.87
N ILE A 152 -17.50 -0.18 6.51
CA ILE A 152 -16.32 0.23 7.28
C ILE A 152 -15.42 1.20 6.49
N ASN A 153 -15.29 2.43 6.96
CA ASN A 153 -14.19 3.33 6.56
C ASN A 153 -13.04 3.17 7.54
N VAL A 154 -11.86 2.86 7.04
CA VAL A 154 -10.71 2.64 7.92
C VAL A 154 -9.44 3.24 7.30
N THR A 155 -8.67 3.97 8.09
CA THR A 155 -7.37 4.45 7.66
C THR A 155 -6.38 4.00 8.70
N THR A 156 -5.19 3.64 8.24
CA THR A 156 -4.25 2.97 9.11
C THR A 156 -2.99 3.79 9.30
N TYR A 157 -2.31 3.48 10.40
CA TYR A 157 -1.11 4.18 10.80
C TYR A 157 -0.15 3.03 11.07
N GLN A 158 0.48 2.54 10.01
CA GLN A 158 1.21 1.27 10.05
C GLN A 158 2.73 1.42 10.21
N SER A 159 3.28 0.69 11.17
CA SER A 159 4.71 0.78 11.48
C SER A 159 5.58 0.09 10.43
N VAL A 160 6.84 0.51 10.39
CA VAL A 160 7.81 0.04 9.39
C VAL A 160 8.20 -1.41 9.58
N SER A 161 7.89 -1.97 10.75
CA SER A 161 8.15 -3.38 11.06
C SER A 161 7.25 -4.33 10.27
N GLY A 162 6.32 -3.77 9.49
CA GLY A 162 5.50 -4.54 8.58
C GLY A 162 6.28 -4.84 7.32
N ALA A 163 7.26 -3.98 7.02
CA ALA A 163 8.18 -4.15 5.89
C ALA A 163 9.44 -4.90 6.33
N GLY A 164 9.34 -5.60 7.46
CA GLY A 164 10.46 -6.36 7.99
C GLY A 164 11.60 -5.48 8.44
N LYS A 165 12.78 -6.09 8.56
CA LYS A 165 13.96 -5.43 9.12
C LYS A 165 14.53 -4.42 8.14
N ALA A 166 14.33 -4.68 6.85
CA ALA A 166 14.66 -3.71 5.80
C ALA A 166 13.89 -2.38 5.95
N GLY A 167 12.73 -2.43 6.59
CA GLY A 167 11.93 -1.23 6.87
C GLY A 167 12.39 -0.51 8.13
N ILE A 168 12.58 -1.28 9.21
CA ILE A 168 13.12 -0.80 10.48
C ILE A 168 14.48 -0.09 10.34
N ASP A 169 15.37 -0.71 9.56
CA ASP A 169 16.70 -0.17 9.35
C ASP A 169 16.62 1.08 8.50
N GLU A 170 15.63 1.13 7.61
CA GLU A 170 15.44 2.31 6.78
C GLU A 170 14.98 3.47 7.64
N LEU A 171 14.06 3.21 8.58
CA LEU A 171 13.59 4.24 9.50
C LEU A 171 14.71 4.76 10.39
N ALA A 172 15.32 3.86 11.17
CA ALA A 172 16.41 4.21 12.09
C ALA A 172 17.63 4.80 11.38
N GLY A 173 17.92 4.32 10.18
CA GLY A 173 19.05 4.79 9.38
C GLY A 173 18.83 6.15 8.74
N GLN A 174 17.64 6.37 8.18
CA GLN A 174 17.29 7.64 7.57
C GLN A 174 17.19 8.74 8.62
N THR A 175 16.72 8.38 9.80
CA THR A 175 16.48 9.33 10.88
C THR A 175 17.79 9.87 11.45
N ALA A 176 18.79 8.99 11.58
CA ALA A 176 20.14 9.39 12.03
C ALA A 176 20.87 10.24 10.98
N LYS A 177 20.82 9.83 9.71
CA LYS A 177 21.43 10.62 8.64
C LYS A 177 20.85 12.03 8.58
N LEU A 178 19.52 12.14 8.70
CA LEU A 178 18.85 13.44 8.66
C LEU A 178 19.20 14.33 9.85
N LEU A 179 19.22 13.75 11.05
CA LEU A 179 19.51 14.52 12.27
C LEU A 179 20.95 15.03 12.32
N ASN A 180 21.88 14.20 11.86
CA ASN A 180 23.31 14.57 11.75
C ASN A 180 23.66 15.11 10.36
N GLY A 181 22.80 15.95 9.80
CA GLY A 181 23.09 16.71 8.59
C GLY A 181 23.18 15.97 7.26
N TYR A 182 23.43 14.66 7.31
CA TYR A 182 23.58 13.85 6.09
C TYR A 182 22.25 13.61 5.37
N PRO A 183 22.29 13.43 4.03
CA PRO A 183 21.05 13.14 3.31
C PRO A 183 20.57 11.70 3.52
N ALA A 184 19.25 11.52 3.39
CA ALA A 184 18.63 10.19 3.54
C ALA A 184 18.29 9.60 2.18
N GLU A 185 18.74 8.38 1.95
CA GLU A 185 18.50 7.66 0.69
C GLU A 185 17.34 6.68 0.88
N THR A 186 16.61 6.42 -0.20
CA THR A 186 15.44 5.54 -0.15
C THR A 186 15.66 4.25 -0.95
N ASN A 187 15.28 3.12 -0.36
CA ASN A 187 15.42 1.81 -1.00
C ASN A 187 14.22 0.89 -0.75
N THR A 188 13.96 0.60 0.52
CA THR A 188 12.79 -0.21 0.90
C THR A 188 11.48 0.50 0.52
N PHE A 189 11.43 1.82 0.73
CA PHE A 189 10.25 2.61 0.40
C PHE A 189 10.53 3.55 -0.78
N SER A 190 9.48 3.87 -1.55
CA SER A 190 9.62 4.75 -2.72
C SER A 190 9.89 6.21 -2.32
N GLN A 191 9.35 6.63 -1.18
CA GLN A 191 9.62 7.97 -0.63
C GLN A 191 10.29 7.81 0.72
N GLN A 192 10.77 8.93 1.26
CA GLN A 192 11.41 8.96 2.58
C GLN A 192 10.36 8.69 3.66
N ILE A 193 10.72 7.86 4.64
CA ILE A 193 9.81 7.48 5.71
C ILE A 193 10.06 8.28 7.00
N ALA A 194 11.33 8.50 7.33
CA ALA A 194 11.70 9.29 8.50
C ALA A 194 10.97 10.62 8.46
N PHE A 195 10.29 10.96 9.56
CA PHE A 195 9.46 12.18 9.66
C PHE A 195 8.48 12.37 8.51
N ASN A 196 7.92 11.27 8.01
CA ASN A 196 7.02 11.32 6.86
C ASN A 196 5.92 10.24 6.95
N CYS A 197 4.86 10.42 6.17
CA CYS A 197 3.79 9.43 6.08
C CYS A 197 3.66 9.10 4.62
N ILE A 198 3.62 7.81 4.30
CA ILE A 198 3.54 7.34 2.93
C ILE A 198 2.22 6.61 2.77
N PRO A 199 1.28 7.17 2.00
CA PRO A 199 -0.04 6.56 1.82
C PRO A 199 -0.01 5.40 0.82
N GLN A 200 0.95 4.50 0.98
CA GLN A 200 1.08 3.33 0.12
C GLN A 200 1.72 2.17 0.85
N ILE A 201 0.96 1.10 1.02
CA ILE A 201 1.49 -0.16 1.52
C ILE A 201 1.20 -1.24 0.47
N ASP A 202 2.29 -1.77 -0.12
CA ASP A 202 2.26 -2.75 -1.24
C ASP A 202 1.98 -2.05 -2.58
N GLN A 203 1.91 -2.84 -3.65
CA GLN A 203 1.74 -2.29 -5.00
C GLN A 203 0.29 -1.91 -5.25
N PHE A 204 0.09 -1.01 -6.21
CA PHE A 204 -1.23 -0.56 -6.61
C PHE A 204 -1.97 -1.61 -7.44
N MET A 205 -3.29 -1.46 -7.48
CA MET A 205 -4.17 -2.37 -8.22
C MET A 205 -4.89 -1.56 -9.27
N ASP A 206 -5.59 -2.26 -10.17
CA ASP A 206 -6.34 -1.62 -11.27
C ASP A 206 -7.33 -0.58 -10.77
N ASN A 207 -7.78 -0.74 -9.53
CA ASN A 207 -8.86 0.12 -9.02
C ASN A 207 -8.41 1.36 -8.21
N GLY A 208 -7.11 1.56 -8.09
CA GLY A 208 -6.56 2.69 -7.33
C GLY A 208 -6.11 2.31 -5.93
N TYR A 209 -6.67 1.24 -5.39
CA TYR A 209 -6.31 0.77 -4.06
C TYR A 209 -5.02 -0.02 -4.12
N THR A 210 -4.38 -0.23 -2.98
CA THR A 210 -3.19 -1.06 -2.95
C THR A 210 -3.59 -2.46 -2.53
N LYS A 211 -2.65 -3.39 -2.61
CA LYS A 211 -2.89 -4.78 -2.22
C LYS A 211 -3.19 -4.89 -0.72
N GLU A 212 -2.50 -4.11 0.10
CA GLU A 212 -2.77 -4.08 1.54
C GLU A 212 -4.22 -3.64 1.80
N GLU A 213 -4.64 -2.58 1.11
CA GLU A 213 -6.00 -2.08 1.21
C GLU A 213 -6.98 -3.16 0.72
N MET A 214 -6.69 -3.72 -0.46
CA MET A 214 -7.50 -4.82 -1.00
C MET A 214 -7.55 -6.06 -0.11
N LYS A 215 -6.49 -6.33 0.66
CA LYS A 215 -6.51 -7.40 1.66
C LYS A 215 -7.45 -7.17 2.83
N MET A 216 -7.48 -5.95 3.36
CA MET A 216 -8.45 -5.66 4.42
C MET A 216 -9.88 -5.90 3.93
N VAL A 217 -10.17 -5.50 2.69
CA VAL A 217 -11.46 -5.79 2.04
C VAL A 217 -11.77 -7.30 1.99
N TRP A 218 -10.95 -8.04 1.25
CA TRP A 218 -11.22 -9.46 1.01
C TRP A 218 -11.17 -10.31 2.27
N GLU A 219 -10.17 -10.07 3.10
CA GLU A 219 -10.05 -10.88 4.31
C GLU A 219 -11.17 -10.59 5.29
N THR A 220 -11.64 -9.34 5.34
CA THR A 220 -12.81 -9.03 6.17
C THR A 220 -14.06 -9.80 5.75
N GLN A 221 -14.38 -9.77 4.46
CA GLN A 221 -15.58 -10.44 3.97
C GLN A 221 -15.47 -11.96 4.10
N LYS A 222 -14.28 -12.52 3.89
CA LYS A 222 -14.05 -13.95 4.08
C LYS A 222 -14.25 -14.38 5.55
N ILE A 223 -13.61 -13.64 6.47
CA ILE A 223 -13.64 -13.97 7.90
C ILE A 223 -15.01 -13.78 8.56
N PHE A 224 -15.71 -12.71 8.19
CA PHE A 224 -17.08 -12.46 8.66
C PHE A 224 -18.09 -13.27 7.85
N ASN A 225 -17.60 -13.84 6.74
CA ASN A 225 -18.37 -14.70 5.84
C ASN A 225 -19.58 -13.93 5.34
N ASP A 226 -19.31 -12.75 4.82
CA ASP A 226 -20.35 -11.82 4.44
C ASP A 226 -19.87 -10.95 3.28
N PRO A 227 -20.34 -11.25 2.06
CA PRO A 227 -19.98 -10.49 0.86
C PRO A 227 -20.69 -9.14 0.77
N SER A 228 -21.46 -8.77 1.80
CA SER A 228 -22.19 -7.51 1.80
C SER A 228 -21.66 -6.45 2.80
N ILE A 229 -20.63 -6.79 3.57
CA ILE A 229 -19.94 -5.76 4.40
C ILE A 229 -19.07 -5.00 3.44
N MET A 230 -19.28 -3.70 3.39
CA MET A 230 -18.49 -2.84 2.56
C MET A 230 -17.28 -2.35 3.35
N VAL A 231 -16.10 -2.39 2.74
CA VAL A 231 -14.87 -2.02 3.43
C VAL A 231 -14.12 -1.03 2.55
N ASN A 232 -13.80 0.13 3.11
CA ASN A 232 -13.14 1.22 2.37
C ASN A 232 -11.87 1.67 3.08
N PRO A 233 -10.73 1.04 2.77
CA PRO A 233 -9.45 1.39 3.42
C PRO A 233 -8.57 2.41 2.70
N THR A 234 -7.83 3.19 3.49
CA THR A 234 -6.60 3.85 3.04
C THR A 234 -5.51 3.43 4.03
N CYS A 235 -4.49 2.73 3.52
CA CYS A 235 -3.39 2.25 4.35
C CYS A 235 -2.13 3.13 4.20
N VAL A 236 -1.60 3.59 5.33
CA VAL A 236 -0.49 4.55 5.35
C VAL A 236 0.68 4.04 6.22
N ARG A 237 1.91 4.09 5.69
CA ARG A 237 3.08 3.81 6.50
C ARG A 237 3.46 5.05 7.31
N VAL A 238 3.67 4.87 8.61
CA VAL A 238 4.09 5.97 9.49
C VAL A 238 5.46 5.66 10.15
N PRO A 239 6.17 6.71 10.66
CA PRO A 239 7.53 6.57 11.21
C PRO A 239 7.53 6.02 12.62
N VAL A 240 6.91 4.85 12.76
CA VAL A 240 6.79 4.14 14.03
C VAL A 240 7.49 2.78 13.84
N PHE A 241 8.06 2.24 14.92
CA PHE A 241 8.82 1.00 14.84
C PHE A 241 7.92 -0.22 14.87
N TYR A 242 7.22 -0.41 15.99
CA TYR A 242 6.33 -1.55 16.22
C TYR A 242 4.90 -1.10 16.53
N GLY A 243 3.94 -1.97 16.22
CA GLY A 243 2.51 -1.71 16.43
C GLY A 243 1.83 -1.04 15.25
N HIS A 244 0.58 -1.42 14.97
CA HIS A 244 -0.24 -0.69 14.00
C HIS A 244 -1.40 -0.07 14.72
N ALA A 245 -1.84 1.08 14.24
CA ALA A 245 -3.02 1.74 14.75
C ALA A 245 -3.99 1.96 13.58
N GLU A 246 -5.28 1.97 13.89
CA GLU A 246 -6.31 2.19 12.87
C GLU A 246 -7.39 3.12 13.39
N ALA A 247 -7.77 4.03 12.52
CA ALA A 247 -8.94 4.83 12.74
C ALA A 247 -10.12 4.17 12.04
N VAL A 248 -11.09 3.66 12.81
CA VAL A 248 -12.20 2.88 12.25
C VAL A 248 -13.52 3.63 12.43
N HIS A 249 -14.19 3.91 11.31
CA HIS A 249 -15.46 4.63 11.30
C HIS A 249 -16.53 3.69 10.70
N VAL A 250 -17.34 3.08 11.54
CA VAL A 250 -18.27 2.05 11.05
C VAL A 250 -19.72 2.49 11.03
N GLU A 251 -20.46 1.96 10.06
CA GLU A 251 -21.89 2.18 9.98
C GLU A 251 -22.55 0.86 10.30
N THR A 252 -23.31 0.84 11.40
CA THR A 252 -23.98 -0.38 11.84
C THR A 252 -25.32 -0.53 11.11
N ARG A 253 -25.88 -1.74 11.14
CA ARG A 253 -27.18 -2.02 10.47
C ARG A 253 -28.37 -1.65 11.37
N ALA A 254 -28.17 -1.75 12.70
CA ALA A 254 -29.13 -1.25 13.68
C ALA A 254 -28.45 -0.22 14.58
N PRO A 255 -29.22 0.68 15.21
CA PRO A 255 -28.59 1.71 16.03
C PRO A 255 -28.03 1.16 17.33
N ILE A 256 -26.91 1.73 17.77
CA ILE A 256 -26.29 1.36 19.04
C ILE A 256 -25.51 2.57 19.57
N ASP A 257 -25.43 2.69 20.88
CA ASP A 257 -24.78 3.84 21.48
C ASP A 257 -23.37 3.49 21.92
N ALA A 258 -22.47 4.48 21.86
CA ALA A 258 -21.08 4.31 22.32
C ALA A 258 -20.97 3.70 23.71
N GLU A 259 -21.93 3.99 24.59
CA GLU A 259 -21.91 3.46 25.95
C GLU A 259 -22.12 1.97 25.96
N GLN A 260 -22.97 1.48 25.06
CA GLN A 260 -23.24 0.07 24.91
C GLN A 260 -21.98 -0.61 24.36
N VAL A 261 -21.41 -0.05 23.28
CA VAL A 261 -20.24 -0.67 22.67
C VAL A 261 -19.09 -0.70 23.67
N MET A 262 -18.88 0.40 24.40
CA MET A 262 -17.83 0.43 25.42
C MET A 262 -18.00 -0.66 26.48
N ASP A 263 -19.23 -0.87 26.93
CA ASP A 263 -19.53 -1.96 27.86
C ASP A 263 -19.23 -3.34 27.26
N MET A 264 -19.68 -3.58 26.03
CA MET A 264 -19.38 -4.83 25.31
C MET A 264 -17.89 -5.11 25.13
N LEU A 265 -17.16 -4.12 24.63
CA LEU A 265 -15.73 -4.19 24.41
C LEU A 265 -14.96 -4.50 25.70
N GLU A 266 -15.38 -3.87 26.80
CA GLU A 266 -14.78 -4.11 28.10
C GLU A 266 -15.01 -5.53 28.61
N GLN A 267 -16.12 -6.14 28.21
CA GLN A 267 -16.47 -7.50 28.63
C GLN A 267 -15.91 -8.58 27.71
N THR A 268 -15.50 -8.19 26.50
CA THR A 268 -14.96 -9.12 25.50
C THR A 268 -13.51 -9.44 25.81
N ASP A 269 -13.17 -10.73 25.85
CA ASP A 269 -11.80 -11.19 26.07
C ASP A 269 -10.90 -10.87 24.87
N GLY A 270 -9.67 -10.46 25.15
CA GLY A 270 -8.75 -10.06 24.10
C GLY A 270 -8.83 -8.60 23.73
N ILE A 271 -9.73 -7.86 24.37
CA ILE A 271 -9.84 -6.42 24.15
C ILE A 271 -9.55 -5.65 25.43
N GLU A 272 -8.62 -4.69 25.35
CA GLU A 272 -8.43 -3.72 26.42
C GLU A 272 -8.97 -2.36 26.00
N LEU A 273 -9.99 -1.88 26.73
CA LEU A 273 -10.64 -0.61 26.43
C LEU A 273 -10.09 0.56 27.25
N PHE A 274 -9.80 1.66 26.58
CA PHE A 274 -9.37 2.89 27.21
C PHE A 274 -10.53 3.89 27.11
N ARG A 275 -10.95 4.41 28.25
CA ARG A 275 -12.11 5.30 28.30
C ARG A 275 -11.71 6.78 28.42
N GLY A 276 -12.65 7.66 28.06
CA GLY A 276 -12.51 9.10 28.28
C GLY A 276 -11.37 9.72 27.51
N ALA A 277 -10.50 10.42 28.22
CA ALA A 277 -9.34 11.09 27.63
C ALA A 277 -8.12 10.16 27.57
N ASP A 278 -8.31 8.90 27.91
CA ASP A 278 -7.24 7.93 27.73
C ASP A 278 -7.44 7.10 26.46
N PHE A 279 -6.34 6.74 25.82
CA PHE A 279 -6.39 5.99 24.55
C PHE A 279 -5.07 5.26 24.39
N PRO A 280 -5.08 4.12 23.67
CA PRO A 280 -3.79 3.46 23.43
C PRO A 280 -2.98 4.11 22.31
N THR A 281 -1.66 4.04 22.46
CA THR A 281 -0.75 4.38 21.37
C THR A 281 0.25 3.25 21.16
N GLN A 282 0.77 3.18 19.95
CA GLN A 282 1.79 2.21 19.57
C GLN A 282 3.01 2.13 20.53
N VAL A 283 3.73 3.23 20.70
CA VAL A 283 4.92 3.24 21.58
C VAL A 283 4.57 2.95 23.03
N ARG A 284 3.49 3.55 23.51
CA ARG A 284 3.18 3.50 24.93
C ARG A 284 2.46 2.20 25.38
N ASP A 285 1.49 1.73 24.60
CA ASP A 285 0.64 0.64 25.06
C ASP A 285 0.71 -0.66 24.26
N ALA A 286 1.16 -0.58 23.01
CA ALA A 286 1.04 -1.72 22.08
C ALA A 286 2.21 -2.68 22.13
N GLY A 287 3.42 -2.14 22.23
CA GLY A 287 4.63 -2.95 22.22
C GLY A 287 4.61 -4.07 23.25
N GLY A 288 4.75 -5.31 22.78
CA GLY A 288 4.87 -6.48 23.64
C GLY A 288 3.58 -7.11 24.12
N LYS A 289 2.43 -6.63 23.61
CA LYS A 289 1.12 -7.12 24.04
C LYS A 289 0.52 -8.13 23.07
N ASP A 290 -0.26 -9.05 23.63
CA ASP A 290 -0.83 -10.18 22.91
C ASP A 290 -2.30 -9.97 22.58
N HIS A 291 -2.87 -8.85 23.03
CA HIS A 291 -4.31 -8.57 22.87
C HIS A 291 -4.52 -7.28 22.05
N VAL A 292 -5.78 -6.91 21.84
CA VAL A 292 -6.10 -5.74 21.02
C VAL A 292 -6.52 -4.56 21.91
N LEU A 293 -6.03 -3.38 21.58
CA LEU A 293 -6.32 -2.19 22.38
C LEU A 293 -7.25 -1.23 21.64
N VAL A 294 -8.28 -0.75 22.34
CA VAL A 294 -9.15 0.25 21.73
C VAL A 294 -9.50 1.48 22.59
N GLY A 295 -9.66 2.61 21.91
CA GLY A 295 -10.07 3.86 22.53
C GLY A 295 -10.78 4.75 21.53
N ARG A 296 -11.05 5.98 21.97
CA ARG A 296 -11.75 6.98 21.16
C ARG A 296 -13.14 6.52 20.71
N VAL A 297 -13.71 5.54 21.41
CA VAL A 297 -15.04 5.04 21.08
C VAL A 297 -16.07 6.15 21.29
N ARG A 298 -16.84 6.44 20.24
CA ARG A 298 -17.83 7.50 20.28
C ARG A 298 -18.81 7.34 19.15
N ASN A 299 -20.01 7.87 19.37
CA ASN A 299 -21.04 7.97 18.35
C ASN A 299 -20.58 8.84 17.19
N ASP A 300 -20.85 8.38 15.98
CA ASP A 300 -20.60 9.14 14.77
C ASP A 300 -21.70 10.19 14.67
N ILE A 301 -21.31 11.45 14.68
CA ILE A 301 -22.31 12.54 14.61
C ILE A 301 -22.76 12.79 13.18
N SER A 302 -22.11 12.15 12.22
CA SER A 302 -22.36 12.40 10.79
C SER A 302 -23.35 11.40 10.18
N HIS A 303 -23.85 10.47 10.99
CA HIS A 303 -24.61 9.32 10.47
C HIS A 303 -25.58 8.82 11.51
N HIS A 304 -26.76 8.39 11.09
CA HIS A 304 -27.79 7.94 12.04
C HIS A 304 -27.35 6.71 12.86
N SER A 305 -26.54 5.84 12.25
CA SER A 305 -26.10 4.59 12.87
C SER A 305 -24.59 4.34 12.74
N GLY A 306 -23.78 5.25 13.27
CA GLY A 306 -22.33 5.14 13.18
C GLY A 306 -21.59 5.04 14.51
N ILE A 307 -20.44 4.35 14.49
CA ILE A 307 -19.53 4.30 15.64
C ILE A 307 -18.09 4.51 15.16
N ASN A 308 -17.37 5.39 15.86
CA ASN A 308 -15.94 5.64 15.64
C ASN A 308 -15.12 5.01 16.73
N LEU A 309 -13.96 4.46 16.35
CA LEU A 309 -13.02 3.93 17.34
C LEU A 309 -11.58 4.01 16.85
N TRP A 310 -10.64 3.82 17.77
CA TRP A 310 -9.20 3.83 17.48
C TRP A 310 -8.69 2.46 17.91
N VAL A 311 -8.00 1.77 17.01
CA VAL A 311 -7.61 0.37 17.28
C VAL A 311 -6.09 0.20 17.17
N VAL A 312 -5.49 -0.38 18.21
CA VAL A 312 -4.04 -0.58 18.24
C VAL A 312 -3.69 -2.02 18.59
N ALA A 313 -2.66 -2.57 17.94
CA ALA A 313 -2.11 -3.87 18.32
C ALA A 313 -0.63 -3.99 17.97
N ASP A 314 0.07 -4.93 18.62
CA ASP A 314 1.42 -5.29 18.24
C ASP A 314 1.28 -6.24 17.06
N ASN A 315 1.77 -5.79 15.92
CA ASN A 315 1.57 -6.49 14.64
C ASN A 315 2.44 -7.75 14.50
N VAL A 316 3.45 -7.86 15.36
CA VAL A 316 4.31 -9.05 15.38
C VAL A 316 3.72 -10.13 16.30
N ARG A 317 2.98 -9.69 17.32
CA ARG A 317 2.28 -10.59 18.27
C ARG A 317 0.86 -10.88 17.83
N LYS A 318 -0.12 -10.20 18.41
CA LYS A 318 -1.51 -10.45 18.04
C LYS A 318 -1.69 -10.41 16.51
N GLY A 319 -0.98 -9.51 15.86
CA GLY A 319 -1.06 -9.38 14.41
C GLY A 319 -0.41 -10.50 13.60
N ALA A 320 0.20 -11.48 14.29
CA ALA A 320 0.90 -12.58 13.60
C ALA A 320 1.17 -13.79 14.52
N ALA A 321 2.25 -13.73 15.29
CA ALA A 321 2.73 -14.84 16.12
C ALA A 321 1.69 -15.38 17.09
N THR A 322 1.06 -14.47 17.83
CA THR A 322 0.11 -14.85 18.87
C THR A 322 -1.20 -15.38 18.29
N ASN A 323 -1.69 -14.73 17.24
CA ASN A 323 -2.86 -15.25 16.53
C ASN A 323 -2.64 -16.70 16.07
N ALA A 324 -1.47 -16.97 15.51
CA ALA A 324 -1.11 -18.33 15.05
C ALA A 324 -1.02 -19.34 16.19
N VAL A 325 -0.40 -18.95 17.30
CA VAL A 325 -0.32 -19.81 18.49
C VAL A 325 -1.70 -20.07 19.08
N GLN A 326 -2.58 -19.07 19.08
CA GLN A 326 -3.99 -19.22 19.50
C GLN A 326 -4.82 -20.18 18.64
N ILE A 327 -4.57 -20.18 17.33
CA ILE A 327 -5.14 -21.17 16.40
C ILE A 327 -4.64 -22.58 16.75
N ALA A 328 -3.32 -22.71 16.95
CA ALA A 328 -2.71 -23.96 17.41
C ALA A 328 -3.34 -24.48 18.70
N GLU A 329 -3.55 -23.61 19.68
CA GLU A 329 -4.17 -23.99 20.97
C GLU A 329 -5.56 -24.59 20.79
N LEU A 330 -6.40 -23.92 19.99
CA LEU A 330 -7.75 -24.39 19.71
C LEU A 330 -7.73 -25.64 18.84
N LEU A 331 -6.71 -25.78 18.00
CA LEU A 331 -6.59 -26.95 17.13
C LEU A 331 -6.29 -28.22 17.93
N VAL A 332 -5.37 -28.14 18.89
CA VAL A 332 -5.08 -29.30 19.74
C VAL A 332 -6.18 -29.60 20.75
N ARG A 333 -6.77 -28.56 21.33
CA ARG A 333 -7.87 -28.69 22.29
C ARG A 333 -9.09 -29.41 21.72
N ASP A 334 -9.50 -29.06 20.51
CA ASP A 334 -10.75 -29.59 19.97
C ASP A 334 -10.62 -30.63 18.85
N TYR A 335 -9.42 -30.79 18.29
CA TYR A 335 -9.26 -31.68 17.12
C TYR A 335 -8.20 -32.76 17.28
N PHE A 336 -7.35 -32.63 18.29
CA PHE A 336 -6.32 -33.63 18.57
C PHE A 336 -6.63 -34.38 19.88
N GLN B 2 -15.55 -29.91 -33.71
CA GLN B 2 -15.71 -29.71 -32.24
C GLN B 2 -15.23 -28.33 -31.83
N GLN B 3 -16.13 -27.54 -31.23
CA GLN B 3 -15.84 -26.19 -30.79
C GLN B 3 -16.04 -26.04 -29.28
N PHE B 4 -15.29 -25.12 -28.67
CA PHE B 4 -15.33 -24.94 -27.22
C PHE B 4 -15.61 -23.50 -26.83
N ASN B 5 -16.35 -23.33 -25.73
CA ASN B 5 -16.51 -22.04 -25.11
C ASN B 5 -15.29 -21.74 -24.23
N VAL B 6 -14.73 -20.53 -24.37
CA VAL B 6 -13.47 -20.17 -23.71
C VAL B 6 -13.63 -18.84 -22.96
N ALA B 7 -13.12 -18.77 -21.73
CA ALA B 7 -13.11 -17.51 -20.99
C ALA B 7 -11.70 -16.95 -20.82
N ILE B 8 -11.55 -15.65 -21.03
CA ILE B 8 -10.35 -14.94 -20.64
C ILE B 8 -10.65 -14.04 -19.43
N PHE B 9 -10.17 -14.47 -18.28
CA PHE B 9 -10.28 -13.71 -17.04
C PHE B 9 -9.02 -12.84 -16.92
N GLY B 10 -9.20 -11.54 -17.16
CA GLY B 10 -8.11 -10.56 -17.17
C GLY B 10 -7.91 -9.90 -18.52
N ALA B 11 -8.99 -9.85 -19.32
CA ALA B 11 -8.92 -9.49 -20.76
C ALA B 11 -8.34 -8.11 -21.10
N THR B 12 -8.21 -7.25 -20.10
CA THR B 12 -7.79 -5.85 -20.31
C THR B 12 -6.30 -5.58 -20.07
N GLY B 13 -5.61 -6.55 -19.49
CA GLY B 13 -4.15 -6.47 -19.38
C GLY B 13 -3.49 -6.92 -20.66
N ALA B 14 -2.20 -6.59 -20.81
CA ALA B 14 -1.39 -6.95 -21.99
C ALA B 14 -1.40 -8.43 -22.34
N VAL B 15 -1.34 -9.29 -21.33
CA VAL B 15 -1.38 -10.75 -21.55
C VAL B 15 -2.78 -11.19 -22.02
N GLY B 16 -3.81 -10.72 -21.32
CA GLY B 16 -5.21 -10.97 -21.68
C GLY B 16 -5.53 -10.58 -23.11
N GLU B 17 -5.03 -9.42 -23.52
CA GLU B 17 -5.20 -8.92 -24.90
C GLU B 17 -4.46 -9.78 -25.92
N THR B 18 -3.26 -10.22 -25.56
CA THR B 18 -2.49 -11.09 -26.44
C THR B 18 -3.07 -12.50 -26.50
N MET B 19 -3.69 -12.95 -25.42
CA MET B 19 -4.39 -14.24 -25.41
C MET B 19 -5.49 -14.27 -26.45
N LEU B 20 -6.26 -13.18 -26.50
CA LEU B 20 -7.35 -13.01 -27.46
C LEU B 20 -6.84 -13.07 -28.91
N GLU B 21 -5.71 -12.42 -29.16
CA GLU B 21 -5.14 -12.32 -30.51
C GLU B 21 -4.50 -13.64 -30.95
N VAL B 22 -3.83 -14.31 -30.02
CA VAL B 22 -3.21 -15.61 -30.30
C VAL B 22 -4.30 -16.66 -30.59
N LEU B 23 -5.41 -16.59 -29.88
CA LEU B 23 -6.55 -17.49 -30.15
C LEU B 23 -7.07 -17.33 -31.58
N GLN B 24 -7.20 -16.07 -31.99
CA GLN B 24 -7.58 -15.72 -33.36
C GLN B 24 -6.56 -16.22 -34.39
N GLU B 25 -5.28 -15.83 -34.21
CA GLU B 25 -4.17 -16.15 -35.13
C GLU B 25 -3.92 -17.64 -35.30
N ARG B 26 -3.96 -18.38 -34.19
CA ARG B 26 -3.71 -19.81 -34.21
C ARG B 26 -4.97 -20.63 -34.53
N GLU B 27 -6.06 -19.93 -34.83
CA GLU B 27 -7.29 -20.56 -35.24
C GLU B 27 -7.78 -21.58 -34.22
N PHE B 28 -7.78 -21.19 -32.94
CA PHE B 28 -8.32 -22.04 -31.88
C PHE B 28 -9.81 -22.29 -32.16
N PRO B 29 -10.29 -23.53 -31.98
CA PRO B 29 -11.73 -23.83 -32.19
C PRO B 29 -12.65 -23.26 -31.10
N VAL B 30 -12.77 -21.94 -31.08
CA VAL B 30 -13.62 -21.25 -30.13
C VAL B 30 -15.05 -21.16 -30.67
N ASP B 31 -16.01 -21.65 -29.90
CA ASP B 31 -17.42 -21.44 -30.21
C ASP B 31 -17.74 -20.01 -29.77
N GLU B 32 -17.87 -19.81 -28.46
CA GLU B 32 -18.09 -18.47 -27.90
C GLU B 32 -16.98 -18.03 -26.93
N LEU B 33 -16.47 -16.81 -27.11
CA LEU B 33 -15.43 -16.24 -26.24
C LEU B 33 -16.01 -15.26 -25.22
N PHE B 34 -15.74 -15.54 -23.94
CA PHE B 34 -16.17 -14.64 -22.87
C PHE B 34 -14.97 -13.88 -22.31
N LEU B 35 -15.11 -12.57 -22.18
CA LEU B 35 -14.05 -11.73 -21.62
C LEU B 35 -14.46 -11.19 -20.26
N LEU B 36 -13.70 -11.56 -19.23
CA LEU B 36 -14.01 -11.23 -17.84
C LEU B 36 -12.93 -10.38 -17.22
N ALA B 37 -13.34 -9.42 -16.39
CA ALA B 37 -12.42 -8.57 -15.64
C ALA B 37 -12.89 -8.31 -14.21
N SER B 38 -12.17 -7.42 -13.52
CA SER B 38 -12.41 -7.11 -12.11
C SER B 38 -13.70 -6.30 -11.88
N GLU B 39 -13.79 -5.13 -12.52
CA GLU B 39 -14.92 -4.19 -12.38
C GLU B 39 -14.64 -2.89 -13.12
N ARG B 40 -13.45 -2.31 -12.87
CA ARG B 40 -13.06 -0.99 -13.39
C ARG B 40 -12.68 -1.02 -14.87
N SER B 41 -12.63 -2.21 -15.46
CA SER B 41 -12.31 -2.37 -16.88
C SER B 41 -13.56 -2.58 -17.73
N GLU B 42 -14.61 -3.14 -17.11
CA GLU B 42 -15.90 -3.37 -17.76
C GLU B 42 -16.26 -2.33 -18.83
N GLY B 43 -16.85 -2.80 -19.93
CA GLY B 43 -17.28 -1.93 -21.01
C GLY B 43 -16.22 -1.77 -22.08
N LYS B 44 -15.04 -2.35 -21.83
CA LYS B 44 -13.98 -2.45 -22.85
C LYS B 44 -14.48 -3.36 -23.96
N THR B 45 -14.03 -3.07 -25.19
CA THR B 45 -14.43 -3.88 -26.33
C THR B 45 -13.26 -4.28 -27.19
N TYR B 46 -13.31 -5.51 -27.67
CA TYR B 46 -12.25 -6.06 -28.53
C TYR B 46 -12.84 -6.83 -29.72
N ARG B 47 -12.09 -6.84 -30.82
CA ARG B 47 -12.48 -7.61 -32.00
C ARG B 47 -12.04 -9.06 -31.82
N PHE B 48 -13.00 -9.99 -31.91
CA PHE B 48 -12.68 -11.40 -32.03
C PHE B 48 -13.48 -12.09 -33.13
N ASN B 49 -12.76 -12.58 -34.15
CA ASN B 49 -13.34 -13.32 -35.26
C ASN B 49 -14.57 -12.63 -35.87
N GLY B 50 -14.45 -11.33 -36.14
CA GLY B 50 -15.51 -10.56 -36.79
C GLY B 50 -16.60 -10.00 -35.90
N LYS B 51 -16.55 -10.33 -34.61
CA LYS B 51 -17.51 -9.82 -33.63
C LYS B 51 -16.83 -8.82 -32.69
N THR B 52 -17.63 -7.98 -32.03
CA THR B 52 -17.11 -7.12 -30.98
C THR B 52 -17.59 -7.68 -29.63
N VAL B 53 -16.63 -8.04 -28.78
CA VAL B 53 -16.91 -8.69 -27.50
C VAL B 53 -16.67 -7.71 -26.34
N ARG B 54 -17.61 -7.67 -25.40
CA ARG B 54 -17.54 -6.77 -24.26
C ARG B 54 -17.04 -7.47 -22.99
N VAL B 55 -16.05 -6.86 -22.35
CA VAL B 55 -15.53 -7.33 -21.07
C VAL B 55 -16.61 -7.17 -19.98
N GLN B 56 -17.04 -8.30 -19.42
CA GLN B 56 -18.06 -8.32 -18.36
C GLN B 56 -17.46 -8.56 -16.96
N ASN B 57 -18.32 -8.78 -15.96
CA ASN B 57 -17.92 -8.90 -14.55
C ASN B 57 -17.86 -10.35 -14.07
N VAL B 58 -16.73 -10.72 -13.47
CA VAL B 58 -16.49 -12.09 -13.00
C VAL B 58 -17.42 -12.47 -11.84
N GLU B 59 -17.79 -11.47 -11.04
CA GLU B 59 -18.72 -11.64 -9.91
C GLU B 59 -20.06 -12.23 -10.34
N GLU B 60 -20.48 -11.92 -11.57
CA GLU B 60 -21.79 -12.29 -12.09
C GLU B 60 -21.76 -13.40 -13.17
N PHE B 61 -20.60 -14.02 -13.35
CA PHE B 61 -20.40 -15.00 -14.44
C PHE B 61 -20.83 -16.41 -14.09
N ASP B 62 -21.60 -17.03 -15.00
CA ASP B 62 -21.94 -18.43 -14.90
C ASP B 62 -20.84 -19.25 -15.56
N TRP B 63 -20.13 -20.04 -14.76
CA TRP B 63 -18.97 -20.79 -15.23
C TRP B 63 -19.32 -22.07 -16.01
N SER B 64 -20.60 -22.42 -16.05
CA SER B 64 -21.06 -23.57 -16.84
C SER B 64 -21.15 -23.21 -18.32
N GLN B 65 -21.05 -21.91 -18.62
CA GLN B 65 -21.09 -21.42 -19.99
C GLN B 65 -19.78 -21.70 -20.74
N VAL B 66 -18.82 -22.35 -20.09
CA VAL B 66 -17.45 -22.36 -20.60
C VAL B 66 -16.72 -23.68 -20.31
N HIS B 67 -16.01 -24.19 -21.32
CA HIS B 67 -15.22 -25.42 -21.18
C HIS B 67 -13.86 -25.15 -20.54
N ILE B 68 -13.26 -24.03 -20.91
CA ILE B 68 -11.86 -23.74 -20.60
C ILE B 68 -11.71 -22.27 -20.26
N ALA B 69 -10.87 -21.99 -19.27
CA ALA B 69 -10.64 -20.61 -18.89
C ALA B 69 -9.15 -20.33 -18.90
N LEU B 70 -8.82 -19.13 -19.37
CA LEU B 70 -7.45 -18.64 -19.38
C LEU B 70 -7.45 -17.48 -18.40
N PHE B 71 -6.68 -17.62 -17.32
CA PHE B 71 -6.63 -16.64 -16.25
C PHE B 71 -5.35 -15.85 -16.33
N SER B 72 -5.45 -14.53 -16.25
CA SER B 72 -4.29 -13.66 -16.16
C SER B 72 -4.63 -12.37 -15.44
N ALA B 73 -5.40 -12.46 -14.35
CA ALA B 73 -5.80 -11.26 -13.65
C ALA B 73 -4.86 -10.94 -12.47
N GLY B 74 -4.58 -11.96 -11.66
CA GLY B 74 -3.68 -11.83 -10.51
C GLY B 74 -3.83 -13.05 -9.64
N GLY B 75 -2.75 -13.43 -8.95
CA GLY B 75 -2.72 -14.64 -8.13
C GLY B 75 -3.83 -14.83 -7.11
N GLU B 76 -4.16 -13.75 -6.39
CA GLU B 76 -5.21 -13.76 -5.37
C GLU B 76 -6.58 -14.04 -5.99
N LEU B 77 -6.84 -13.40 -7.14
CA LEU B 77 -8.04 -13.67 -7.94
C LEU B 77 -8.08 -15.14 -8.43
N SER B 78 -6.94 -15.69 -8.84
CA SER B 78 -6.88 -17.08 -9.25
C SER B 78 -7.08 -18.05 -8.08
N ALA B 79 -6.47 -17.76 -6.93
CA ALA B 79 -6.70 -18.55 -5.72
C ALA B 79 -8.20 -18.66 -5.40
N LYS B 80 -8.91 -17.56 -5.65
CA LYS B 80 -10.37 -17.46 -5.45
C LYS B 80 -11.17 -18.17 -6.54
N TRP B 81 -10.90 -17.82 -7.79
CA TRP B 81 -11.81 -18.12 -8.89
C TRP B 81 -11.54 -19.43 -9.60
N ALA B 82 -10.29 -19.87 -9.61
CA ALA B 82 -9.94 -21.14 -10.24
C ALA B 82 -10.73 -22.32 -9.63
N PRO B 83 -10.72 -22.46 -8.27
CA PRO B 83 -11.50 -23.56 -7.67
C PRO B 83 -13.02 -23.48 -7.92
N ILE B 84 -13.54 -22.26 -8.01
CA ILE B 84 -14.95 -22.06 -8.31
C ILE B 84 -15.27 -22.52 -9.73
N ALA B 85 -14.49 -22.03 -10.69
CA ALA B 85 -14.58 -22.46 -12.09
C ALA B 85 -14.39 -23.97 -12.21
N ALA B 86 -13.41 -24.51 -11.48
CA ALA B 86 -13.12 -25.95 -11.52
C ALA B 86 -14.29 -26.80 -11.01
N GLU B 87 -15.04 -26.25 -10.06
CA GLU B 87 -16.26 -26.91 -9.55
C GLU B 87 -17.36 -26.97 -10.62
N ALA B 88 -17.38 -25.96 -11.49
CA ALA B 88 -18.39 -25.89 -12.56
C ALA B 88 -18.02 -26.71 -13.81
N GLY B 89 -16.98 -27.54 -13.68
CA GLY B 89 -16.49 -28.39 -14.76
C GLY B 89 -15.49 -27.73 -15.70
N VAL B 90 -15.07 -26.51 -15.38
CA VAL B 90 -14.09 -25.78 -16.19
C VAL B 90 -12.66 -26.26 -15.95
N VAL B 91 -11.86 -26.31 -17.02
CA VAL B 91 -10.41 -26.49 -16.86
C VAL B 91 -9.72 -25.13 -17.01
N VAL B 92 -9.03 -24.71 -15.95
CA VAL B 92 -8.40 -23.39 -15.91
C VAL B 92 -6.94 -23.47 -16.31
N ILE B 93 -6.51 -22.59 -17.20
CA ILE B 93 -5.07 -22.44 -17.48
C ILE B 93 -4.65 -21.11 -16.90
N ASP B 94 -3.80 -21.18 -15.88
CA ASP B 94 -3.54 -20.03 -15.02
C ASP B 94 -2.20 -19.38 -15.31
N ASN B 95 -2.24 -18.13 -15.77
CA ASN B 95 -1.02 -17.37 -15.98
C ASN B 95 -0.80 -16.44 -14.80
N THR B 96 -0.77 -17.05 -13.61
CA THR B 96 -0.32 -16.36 -12.42
C THR B 96 0.68 -17.28 -11.72
N SER B 97 1.45 -16.70 -10.81
CA SER B 97 2.36 -17.45 -9.97
C SER B 97 1.66 -18.37 -8.98
N HIS B 98 0.35 -18.18 -8.76
CA HIS B 98 -0.29 -18.76 -7.57
C HIS B 98 -0.18 -20.27 -7.37
N PHE B 99 -0.43 -21.07 -8.41
CA PHE B 99 -0.44 -22.53 -8.24
C PHE B 99 0.88 -23.19 -8.63
N ARG B 100 1.90 -22.39 -8.90
CA ARG B 100 3.14 -22.92 -9.46
C ARG B 100 3.83 -24.01 -8.63
N TYR B 101 3.68 -23.98 -7.30
CA TYR B 101 4.42 -24.94 -6.46
C TYR B 101 3.55 -25.97 -5.75
N ASP B 102 2.28 -26.05 -6.16
CA ASP B 102 1.38 -27.11 -5.69
C ASP B 102 1.69 -28.39 -6.48
N TYR B 103 2.12 -29.45 -5.82
CA TYR B 103 2.59 -30.66 -6.51
C TYR B 103 1.50 -31.41 -7.30
N ASP B 104 0.23 -31.18 -6.97
CA ASP B 104 -0.88 -31.80 -7.68
C ASP B 104 -1.35 -31.01 -8.89
N ILE B 105 -0.72 -29.85 -9.13
CA ILE B 105 -1.04 -29.01 -10.29
C ILE B 105 0.12 -28.97 -11.26
N PRO B 106 -0.12 -29.40 -12.52
CA PRO B 106 0.91 -29.35 -13.54
C PRO B 106 1.36 -27.91 -13.82
N LEU B 107 2.66 -27.75 -14.00
CA LEU B 107 3.30 -26.53 -14.45
C LEU B 107 3.89 -26.83 -15.81
N VAL B 108 3.30 -26.30 -16.88
CA VAL B 108 3.51 -26.87 -18.22
C VAL B 108 4.18 -25.96 -19.27
N VAL B 109 5.19 -26.53 -19.94
CA VAL B 109 5.71 -25.99 -21.20
C VAL B 109 5.50 -27.08 -22.26
N PRO B 110 4.55 -26.87 -23.17
CA PRO B 110 4.20 -27.88 -24.18
C PRO B 110 5.37 -28.56 -24.91
N GLU B 111 6.44 -27.83 -25.21
CA GLU B 111 7.62 -28.40 -25.88
C GLU B 111 8.46 -29.27 -24.95
N VAL B 112 8.24 -29.14 -23.65
CA VAL B 112 9.11 -29.77 -22.64
C VAL B 112 8.42 -30.89 -21.86
N ASN B 113 7.27 -30.59 -21.25
CA ASN B 113 6.59 -31.57 -20.42
C ASN B 113 5.08 -31.72 -20.69
N PRO B 114 4.67 -31.89 -21.96
CA PRO B 114 3.24 -31.86 -22.25
C PRO B 114 2.44 -33.04 -21.67
N GLU B 115 3.13 -34.10 -21.26
CA GLU B 115 2.51 -35.23 -20.57
C GLU B 115 1.95 -34.79 -19.23
N ALA B 116 2.56 -33.76 -18.65
CA ALA B 116 2.12 -33.22 -17.34
C ALA B 116 0.68 -32.70 -17.39
N ILE B 117 0.19 -32.38 -18.58
CA ILE B 117 -1.17 -31.88 -18.76
C ILE B 117 -2.23 -32.87 -18.24
N ALA B 118 -1.93 -34.16 -18.39
CA ALA B 118 -2.82 -35.24 -17.95
C ALA B 118 -3.24 -35.07 -16.50
N GLU B 119 -2.39 -34.39 -15.72
CA GLU B 119 -2.62 -34.12 -14.31
C GLU B 119 -3.65 -33.00 -14.06
N PHE B 120 -4.25 -32.47 -15.12
CA PHE B 120 -5.30 -31.46 -14.98
C PHE B 120 -6.49 -31.98 -14.18
N ARG B 121 -6.69 -33.30 -14.20
CA ARG B 121 -7.83 -33.96 -13.54
C ARG B 121 -7.80 -33.89 -12.02
N ASN B 122 -6.61 -33.73 -11.44
CA ASN B 122 -6.48 -33.55 -9.98
C ASN B 122 -7.34 -32.41 -9.44
N ARG B 123 -7.22 -31.21 -10.02
CA ARG B 123 -7.86 -30.00 -9.48
C ARG B 123 -8.62 -29.19 -10.54
N ASN B 124 -8.63 -29.71 -11.77
CA ASN B 124 -9.10 -28.96 -12.94
C ASN B 124 -8.33 -27.65 -13.21
N ILE B 125 -7.07 -27.63 -12.79
CA ILE B 125 -6.20 -26.44 -12.96
C ILE B 125 -4.86 -26.82 -13.58
N ILE B 126 -4.38 -25.98 -14.50
CA ILE B 126 -3.01 -26.07 -15.03
C ILE B 126 -2.33 -24.73 -14.84
N ALA B 127 -1.08 -24.74 -14.40
CA ALA B 127 -0.29 -23.52 -14.25
C ALA B 127 0.63 -23.21 -15.43
N ASN B 128 0.62 -21.94 -15.84
CA ASN B 128 1.55 -21.38 -16.84
C ASN B 128 2.81 -20.90 -16.12
N PRO B 129 4.00 -21.41 -16.52
CA PRO B 129 5.22 -20.95 -15.86
C PRO B 129 5.62 -19.51 -16.16
N ASN B 130 6.56 -19.02 -15.37
CA ASN B 130 7.16 -17.70 -15.50
C ASN B 130 7.86 -17.56 -16.86
N CYS B 131 7.76 -16.37 -17.46
CA CYS B 131 8.26 -16.14 -18.81
C CYS B 131 9.73 -16.45 -18.97
N SER B 132 10.55 -16.00 -18.02
CA SER B 132 11.99 -16.24 -18.06
C SER B 132 12.32 -17.73 -18.07
N THR B 133 11.52 -18.51 -17.34
CA THR B 133 11.69 -19.95 -17.29
C THR B 133 11.25 -20.62 -18.60
N ILE B 134 10.06 -20.27 -19.12
CA ILE B 134 9.58 -20.89 -20.37
C ILE B 134 10.66 -20.90 -21.48
N GLN B 135 11.22 -19.73 -21.81
CA GLN B 135 12.12 -19.63 -22.95
C GLN B 135 13.41 -20.39 -22.72
N MET B 136 13.93 -20.31 -21.50
CA MET B 136 15.14 -21.00 -21.14
C MET B 136 14.95 -22.51 -21.30
N LEU B 137 13.80 -23.02 -20.85
CA LEU B 137 13.60 -24.48 -20.84
C LEU B 137 13.31 -25.05 -22.23
N VAL B 138 12.63 -24.29 -23.07
CA VAL B 138 12.47 -24.67 -24.49
C VAL B 138 13.86 -24.85 -25.15
N ALA B 139 14.72 -23.84 -25.05
CA ALA B 139 16.09 -23.92 -25.56
C ALA B 139 16.92 -25.08 -24.99
N LEU B 140 16.75 -25.36 -23.70
CA LEU B 140 17.60 -26.32 -23.00
C LEU B 140 17.13 -27.77 -23.02
N LYS B 141 15.86 -28.00 -23.38
CA LYS B 141 15.28 -29.36 -23.43
C LYS B 141 16.08 -30.36 -24.30
N PRO B 142 16.41 -30.00 -25.56
CA PRO B 142 17.25 -30.88 -26.40
C PRO B 142 18.57 -31.27 -25.75
N ILE B 143 19.27 -30.31 -25.16
CA ILE B 143 20.55 -30.58 -24.50
C ILE B 143 20.33 -31.52 -23.33
N TYR B 144 19.25 -31.28 -22.59
CA TYR B 144 18.95 -32.06 -21.41
C TYR B 144 18.71 -33.55 -21.73
N ASP B 145 17.95 -33.82 -22.79
CA ASP B 145 17.66 -35.20 -23.17
C ASP B 145 18.88 -35.90 -23.76
N ALA B 146 19.73 -35.14 -24.45
CA ALA B 146 20.99 -35.65 -25.02
C ALA B 146 22.01 -36.07 -23.95
N VAL B 147 22.39 -35.12 -23.10
CA VAL B 147 23.50 -35.33 -22.15
C VAL B 147 23.23 -34.95 -20.69
N GLY B 148 22.01 -34.54 -20.36
CA GLY B 148 21.72 -34.08 -18.99
C GLY B 148 22.29 -32.69 -18.69
N ILE B 149 21.75 -32.03 -17.66
CA ILE B 149 22.29 -30.74 -17.23
C ILE B 149 22.52 -30.78 -15.72
N GLU B 150 23.73 -30.44 -15.31
CA GLU B 150 24.07 -30.45 -13.90
C GLU B 150 23.79 -29.09 -13.24
N ARG B 151 24.19 -28.01 -13.93
CA ARG B 151 24.10 -26.66 -13.36
C ARG B 151 23.87 -25.62 -14.46
N ILE B 152 23.02 -24.64 -14.14
CA ILE B 152 22.73 -23.53 -15.06
C ILE B 152 23.11 -22.22 -14.38
N ASN B 153 23.99 -21.45 -15.03
CA ASN B 153 24.18 -20.06 -14.68
C ASN B 153 23.44 -19.22 -15.71
N VAL B 154 22.59 -18.32 -15.25
CA VAL B 154 21.73 -17.57 -16.15
C VAL B 154 21.57 -16.16 -15.61
N THR B 155 21.74 -15.18 -16.50
CA THR B 155 21.42 -13.81 -16.16
C THR B 155 20.51 -13.29 -17.26
N THR B 156 19.57 -12.44 -16.88
CA THR B 156 18.52 -12.04 -17.77
C THR B 156 18.59 -10.57 -18.12
N TYR B 157 17.90 -10.25 -19.21
CA TYR B 157 17.84 -8.92 -19.80
C TYR B 157 16.35 -8.70 -20.04
N GLN B 158 15.66 -8.31 -18.97
CA GLN B 158 14.21 -8.35 -18.95
C GLN B 158 13.54 -6.99 -19.20
N SER B 159 12.73 -6.95 -20.25
CA SER B 159 12.02 -5.76 -20.70
C SER B 159 10.99 -5.23 -19.69
N VAL B 160 10.59 -3.98 -19.88
CA VAL B 160 9.68 -3.30 -18.95
C VAL B 160 8.24 -3.84 -19.03
N SER B 161 7.90 -4.45 -20.17
CA SER B 161 6.58 -5.05 -20.37
C SER B 161 6.28 -6.14 -19.33
N GLY B 162 7.34 -6.70 -18.72
CA GLY B 162 7.22 -7.63 -17.60
C GLY B 162 6.56 -7.03 -16.38
N ALA B 163 6.64 -5.71 -16.23
CA ALA B 163 5.93 -5.00 -15.17
C ALA B 163 4.56 -4.48 -15.68
N GLY B 164 4.09 -5.05 -16.79
CA GLY B 164 2.83 -4.67 -17.39
C GLY B 164 2.89 -3.29 -18.02
N LYS B 165 1.72 -2.74 -18.34
CA LYS B 165 1.62 -1.41 -18.99
C LYS B 165 2.14 -0.28 -18.08
N ALA B 166 2.05 -0.46 -16.77
CA ALA B 166 2.65 0.47 -15.81
C ALA B 166 4.18 0.49 -15.91
N GLY B 167 4.73 -0.47 -16.65
CA GLY B 167 6.17 -0.56 -16.92
C GLY B 167 6.51 -0.09 -18.32
N ILE B 168 5.67 -0.44 -19.30
CA ILE B 168 5.80 0.05 -20.68
C ILE B 168 5.64 1.58 -20.70
N ASP B 169 4.82 2.10 -19.79
CA ASP B 169 4.62 3.54 -19.66
C ASP B 169 5.86 4.23 -19.10
N GLU B 170 6.37 3.73 -17.98
CA GLU B 170 7.45 4.41 -17.26
C GLU B 170 8.82 4.31 -17.94
N LEU B 171 8.85 3.78 -19.16
CA LEU B 171 10.06 3.79 -19.97
C LEU B 171 9.93 4.80 -21.10
N ALA B 172 8.92 4.64 -21.95
CA ALA B 172 8.61 5.63 -22.99
C ALA B 172 8.34 6.99 -22.35
N GLY B 173 7.79 6.97 -21.14
CA GLY B 173 7.54 8.17 -20.36
C GLY B 173 8.79 8.76 -19.74
N GLN B 174 9.49 7.98 -18.93
CA GLN B 174 10.69 8.43 -18.20
C GLN B 174 11.84 8.83 -19.11
N THR B 175 11.87 8.24 -20.31
CA THR B 175 12.84 8.59 -21.34
C THR B 175 12.54 9.98 -21.91
N ALA B 176 11.28 10.19 -22.32
CA ALA B 176 10.82 11.46 -22.91
C ALA B 176 11.17 12.69 -22.07
N LYS B 177 10.99 12.60 -20.75
CA LYS B 177 11.25 13.71 -19.82
C LYS B 177 12.74 14.07 -19.66
N LEU B 178 13.61 13.05 -19.65
CA LEU B 178 15.05 13.27 -19.52
C LEU B 178 15.63 13.94 -20.77
N LEU B 179 15.07 13.59 -21.92
CA LEU B 179 15.41 14.25 -23.18
C LEU B 179 14.86 15.69 -23.24
N ASN B 180 14.02 16.04 -22.26
CA ASN B 180 13.46 17.39 -22.16
C ASN B 180 13.85 18.12 -20.87
N GLY B 181 15.02 17.78 -20.32
CA GLY B 181 15.58 18.51 -19.18
C GLY B 181 14.94 18.25 -17.82
N TYR B 182 13.72 17.71 -17.83
CA TYR B 182 12.98 17.46 -16.58
C TYR B 182 13.53 16.25 -15.81
N PRO B 183 13.56 16.32 -14.47
CA PRO B 183 14.06 15.25 -13.59
C PRO B 183 13.22 13.96 -13.67
N ALA B 184 13.87 12.84 -13.40
CA ALA B 184 13.30 11.50 -13.58
C ALA B 184 12.22 11.15 -12.56
N GLU B 185 11.10 10.63 -13.05
CA GLU B 185 9.95 10.29 -12.22
C GLU B 185 9.89 8.79 -11.91
N THR B 186 10.48 8.40 -10.77
CA THR B 186 10.51 6.99 -10.34
C THR B 186 9.48 6.71 -9.24
N ASN B 187 8.50 5.86 -9.56
CA ASN B 187 7.49 5.42 -8.59
C ASN B 187 7.11 3.95 -8.78
N THR B 188 6.91 3.54 -10.04
CA THR B 188 6.71 2.14 -10.42
C THR B 188 7.93 1.27 -10.10
N PHE B 189 9.12 1.79 -10.41
CA PHE B 189 10.39 1.09 -10.11
C PHE B 189 11.14 1.79 -8.97
N SER B 190 11.93 1.01 -8.24
CA SER B 190 12.70 1.51 -7.09
C SER B 190 13.78 2.51 -7.47
N GLN B 191 14.27 2.40 -8.70
CA GLN B 191 15.24 3.34 -9.25
C GLN B 191 14.87 3.64 -10.70
N GLN B 192 15.56 4.60 -11.29
CA GLN B 192 15.37 4.96 -12.68
C GLN B 192 15.62 3.76 -13.59
N ILE B 193 14.81 3.62 -14.65
CA ILE B 193 14.98 2.55 -15.63
C ILE B 193 15.41 3.03 -17.00
N ALA B 194 15.04 4.26 -17.35
CA ALA B 194 15.53 4.92 -18.57
C ALA B 194 17.06 4.96 -18.56
N PHE B 195 17.68 4.43 -19.62
CA PHE B 195 19.15 4.33 -19.74
C PHE B 195 19.85 3.77 -18.48
N ASN B 196 19.16 2.94 -17.70
CA ASN B 196 19.71 2.34 -16.50
C ASN B 196 19.45 0.83 -16.54
N CYS B 197 20.02 0.10 -15.58
CA CYS B 197 19.76 -1.33 -15.41
C CYS B 197 19.58 -1.59 -13.92
N ILE B 198 18.48 -2.26 -13.56
CA ILE B 198 18.17 -2.56 -12.18
C ILE B 198 18.25 -4.08 -11.99
N PRO B 199 19.24 -4.56 -11.22
CA PRO B 199 19.34 -5.99 -10.89
C PRO B 199 18.28 -6.45 -9.87
N GLN B 200 17.02 -6.11 -10.10
CA GLN B 200 15.91 -6.54 -9.24
C GLN B 200 14.60 -6.68 -10.01
N ILE B 201 14.08 -7.90 -10.00
CA ILE B 201 12.76 -8.22 -10.51
C ILE B 201 12.04 -8.91 -9.35
N ASP B 202 10.96 -8.29 -8.86
CA ASP B 202 10.17 -8.80 -7.71
C ASP B 202 10.92 -8.65 -6.38
N GLN B 203 10.26 -9.05 -5.30
CA GLN B 203 10.75 -8.85 -3.94
C GLN B 203 11.95 -9.73 -3.59
N PHE B 204 12.86 -9.17 -2.81
CA PHE B 204 13.96 -9.92 -2.25
C PHE B 204 13.46 -10.99 -1.31
N MET B 205 14.20 -12.08 -1.24
CA MET B 205 13.91 -13.14 -0.29
C MET B 205 15.05 -13.18 0.70
N ASP B 206 14.88 -13.96 1.77
CA ASP B 206 15.85 -13.94 2.86
C ASP B 206 17.15 -14.69 2.52
N ASN B 207 17.27 -15.19 1.28
CA ASN B 207 18.52 -15.78 0.82
C ASN B 207 19.37 -14.84 -0.06
N GLY B 208 18.85 -13.63 -0.26
CA GLY B 208 19.52 -12.63 -1.09
C GLY B 208 19.00 -12.56 -2.52
N TYR B 209 18.41 -13.67 -2.99
CA TYR B 209 17.83 -13.71 -4.33
C TYR B 209 16.45 -13.09 -4.29
N THR B 210 15.92 -12.75 -5.46
CA THR B 210 14.54 -12.28 -5.56
C THR B 210 13.61 -13.45 -5.86
N LYS B 211 12.29 -13.21 -5.77
CA LYS B 211 11.27 -14.21 -6.09
C LYS B 211 11.31 -14.68 -7.53
N GLU B 212 11.62 -13.75 -8.44
CA GLU B 212 11.79 -14.07 -9.86
C GLU B 212 12.97 -15.03 -10.12
N GLU B 213 14.12 -14.74 -9.51
CA GLU B 213 15.26 -15.65 -9.59
C GLU B 213 14.90 -17.02 -9.02
N MET B 214 14.20 -17.03 -7.90
CA MET B 214 13.81 -18.30 -7.26
C MET B 214 12.79 -19.12 -8.04
N LYS B 215 11.93 -18.44 -8.80
CA LYS B 215 11.04 -19.10 -9.74
C LYS B 215 11.82 -19.81 -10.83
N MET B 216 12.84 -19.15 -11.38
CA MET B 216 13.70 -19.78 -12.37
C MET B 216 14.34 -21.05 -11.82
N VAL B 217 14.66 -21.05 -10.53
CA VAL B 217 15.27 -22.20 -9.87
C VAL B 217 14.25 -23.32 -9.68
N TRP B 218 13.15 -23.05 -8.96
CA TRP B 218 12.21 -24.13 -8.63
C TRP B 218 11.26 -24.52 -9.76
N GLU B 219 10.90 -23.59 -10.63
CA GLU B 219 10.12 -23.98 -11.79
C GLU B 219 10.91 -24.84 -12.79
N THR B 220 12.22 -24.59 -12.93
CA THR B 220 13.08 -25.42 -13.77
C THR B 220 13.12 -26.84 -13.24
N GLN B 221 13.35 -26.96 -11.93
CA GLN B 221 13.38 -28.25 -11.25
C GLN B 221 12.06 -29.01 -11.36
N LYS B 222 10.94 -28.31 -11.19
CA LYS B 222 9.64 -28.94 -11.31
C LYS B 222 9.34 -29.38 -12.77
N ILE B 223 9.54 -28.48 -13.72
CA ILE B 223 9.25 -28.74 -15.15
C ILE B 223 10.14 -29.85 -15.75
N PHE B 224 11.40 -29.89 -15.35
CA PHE B 224 12.32 -30.95 -15.78
C PHE B 224 12.19 -32.23 -14.94
N ASN B 225 11.39 -32.17 -13.87
CA ASN B 225 11.28 -33.25 -12.88
C ASN B 225 12.63 -33.74 -12.36
N ASP B 226 13.39 -32.80 -11.81
CA ASP B 226 14.74 -33.09 -11.35
C ASP B 226 15.17 -32.06 -10.32
N PRO B 227 15.02 -32.39 -9.02
CA PRO B 227 15.48 -31.53 -7.93
C PRO B 227 17.01 -31.40 -7.85
N SER B 228 17.74 -32.12 -8.72
CA SER B 228 19.20 -32.07 -8.71
C SER B 228 19.80 -31.12 -9.78
N ILE B 229 18.95 -30.49 -10.59
CA ILE B 229 19.41 -29.44 -11.50
C ILE B 229 19.68 -28.19 -10.68
N MET B 230 20.93 -27.74 -10.68
CA MET B 230 21.28 -26.52 -9.98
C MET B 230 21.08 -25.35 -10.94
N VAL B 231 20.48 -24.28 -10.44
CA VAL B 231 20.17 -23.08 -11.24
C VAL B 231 20.63 -21.87 -10.43
N ASN B 232 21.41 -20.98 -11.06
CA ASN B 232 22.00 -19.80 -10.40
C ASN B 232 21.72 -18.56 -11.23
N PRO B 233 20.61 -17.86 -10.96
CA PRO B 233 20.25 -16.68 -11.71
C PRO B 233 20.56 -15.34 -11.05
N THR B 234 20.77 -14.36 -11.92
CA THR B 234 20.61 -12.96 -11.58
C THR B 234 19.66 -12.37 -12.63
N CYS B 235 18.53 -11.84 -12.16
CA CYS B 235 17.54 -11.25 -13.04
C CYS B 235 17.65 -9.72 -13.03
N VAL B 236 17.72 -9.13 -14.22
CA VAL B 236 17.96 -7.70 -14.37
C VAL B 236 16.94 -7.04 -15.29
N ARG B 237 16.42 -5.90 -14.85
CA ARG B 237 15.49 -5.11 -15.64
C ARG B 237 16.30 -4.17 -16.54
N VAL B 238 16.05 -4.25 -17.85
CA VAL B 238 16.70 -3.40 -18.84
C VAL B 238 15.66 -2.48 -19.49
N PRO B 239 16.10 -1.30 -20.02
CA PRO B 239 15.23 -0.36 -20.77
C PRO B 239 14.82 -0.83 -22.17
N VAL B 240 14.20 -2.01 -22.24
CA VAL B 240 13.69 -2.59 -23.47
C VAL B 240 12.17 -2.73 -23.29
N PHE B 241 11.40 -2.69 -24.38
CA PHE B 241 9.93 -2.75 -24.28
C PHE B 241 9.37 -4.17 -24.25
N TYR B 242 9.69 -4.95 -25.27
CA TYR B 242 9.11 -6.28 -25.47
C TYR B 242 10.20 -7.34 -25.61
N GLY B 243 9.94 -8.52 -25.05
CA GLY B 243 10.88 -9.63 -25.15
C GLY B 243 11.81 -9.68 -23.98
N HIS B 244 12.30 -10.88 -23.66
CA HIS B 244 13.30 -11.04 -22.62
C HIS B 244 14.45 -11.77 -23.27
N ALA B 245 15.65 -11.32 -22.95
CA ALA B 245 16.84 -12.02 -23.38
C ALA B 245 17.51 -12.66 -22.17
N GLU B 246 18.30 -13.71 -22.41
CA GLU B 246 19.00 -14.42 -21.34
C GLU B 246 20.35 -14.89 -21.83
N ALA B 247 21.39 -14.66 -21.04
CA ALA B 247 22.66 -15.39 -21.22
C ALA B 247 22.61 -16.63 -20.35
N VAL B 248 22.79 -17.78 -20.97
CA VAL B 248 22.64 -19.06 -20.31
C VAL B 248 23.95 -19.84 -20.45
N HIS B 249 24.55 -20.19 -19.32
CA HIS B 249 25.79 -20.95 -19.31
C HIS B 249 25.52 -22.29 -18.63
N VAL B 250 25.51 -23.37 -19.42
CA VAL B 250 25.07 -24.69 -18.92
C VAL B 250 26.23 -25.68 -18.76
N GLU B 251 26.25 -26.37 -17.63
CA GLU B 251 27.16 -27.50 -17.42
C GLU B 251 26.42 -28.80 -17.67
N THR B 252 26.87 -29.53 -18.69
CA THR B 252 26.25 -30.81 -19.08
C THR B 252 26.78 -31.97 -18.24
N ARG B 253 26.05 -33.09 -18.23
CA ARG B 253 26.44 -34.27 -17.44
C ARG B 253 27.34 -35.22 -18.22
N ALA B 254 27.33 -35.09 -19.53
CA ALA B 254 28.31 -35.72 -20.39
C ALA B 254 28.73 -34.69 -21.43
N PRO B 255 29.98 -34.75 -21.92
CA PRO B 255 30.44 -33.78 -22.93
C PRO B 255 29.56 -33.75 -24.19
N ILE B 256 29.37 -32.55 -24.72
CA ILE B 256 28.71 -32.36 -26.00
C ILE B 256 29.35 -31.13 -26.67
N ASP B 257 29.50 -31.20 -27.99
CA ASP B 257 30.11 -30.12 -28.76
C ASP B 257 29.03 -29.21 -29.29
N ALA B 258 29.33 -27.91 -29.39
CA ALA B 258 28.37 -26.90 -29.82
C ALA B 258 27.75 -27.19 -31.18
N GLU B 259 28.51 -27.86 -32.06
CA GLU B 259 28.01 -28.24 -33.38
C GLU B 259 26.80 -29.18 -33.30
N GLN B 260 26.90 -30.16 -32.41
CA GLN B 260 25.84 -31.14 -32.18
C GLN B 260 24.59 -30.51 -31.55
N VAL B 261 24.78 -29.68 -30.52
CA VAL B 261 23.64 -28.95 -29.91
C VAL B 261 22.97 -28.00 -30.90
N MET B 262 23.77 -27.34 -31.74
CA MET B 262 23.25 -26.52 -32.83
C MET B 262 22.44 -27.33 -33.85
N ASP B 263 22.91 -28.53 -34.17
CA ASP B 263 22.18 -29.43 -35.06
C ASP B 263 20.89 -29.92 -34.40
N MET B 264 20.96 -30.28 -33.12
CA MET B 264 19.77 -30.62 -32.35
C MET B 264 18.73 -29.49 -32.41
N LEU B 265 19.12 -28.29 -31.97
CA LEU B 265 18.20 -27.14 -31.88
C LEU B 265 17.57 -26.77 -33.22
N GLU B 266 18.25 -27.10 -34.30
CA GLU B 266 17.74 -26.83 -35.64
C GLU B 266 16.61 -27.78 -36.01
N GLN B 267 16.70 -29.01 -35.50
CA GLN B 267 15.68 -30.06 -35.71
C GLN B 267 14.61 -30.05 -34.61
N THR B 268 14.62 -29.00 -33.79
CA THR B 268 13.71 -28.90 -32.65
C THR B 268 12.62 -27.88 -32.94
N ASP B 269 11.38 -28.31 -32.70
CA ASP B 269 10.21 -27.46 -32.90
C ASP B 269 10.12 -26.47 -31.76
N GLY B 270 9.71 -25.24 -32.07
CA GLY B 270 9.66 -24.17 -31.09
C GLY B 270 10.88 -23.27 -31.13
N ILE B 271 11.95 -23.74 -31.76
CA ILE B 271 13.24 -23.03 -31.76
C ILE B 271 13.72 -22.58 -33.14
N GLU B 272 14.15 -21.32 -33.21
CA GLU B 272 14.81 -20.81 -34.40
C GLU B 272 16.30 -20.57 -34.10
N LEU B 273 17.16 -21.46 -34.59
CA LEU B 273 18.61 -21.38 -34.36
C LEU B 273 19.31 -20.43 -35.31
N PHE B 274 20.05 -19.49 -34.73
CA PHE B 274 20.89 -18.57 -35.48
C PHE B 274 22.32 -19.05 -35.39
N ARG B 275 23.01 -19.09 -36.52
CA ARG B 275 24.40 -19.54 -36.56
C ARG B 275 25.39 -18.39 -36.80
N GLY B 276 26.64 -18.61 -36.38
CA GLY B 276 27.74 -17.69 -36.67
C GLY B 276 27.56 -16.29 -36.15
N ALA B 277 27.85 -15.31 -37.02
CA ALA B 277 27.81 -13.89 -36.67
C ALA B 277 26.38 -13.40 -36.51
N ASP B 278 25.43 -14.26 -36.83
CA ASP B 278 24.03 -13.93 -36.72
C ASP B 278 23.47 -14.40 -35.36
N PHE B 279 22.86 -13.49 -34.62
CA PHE B 279 22.22 -13.81 -33.35
C PHE B 279 20.90 -13.04 -33.25
N PRO B 280 19.93 -13.55 -32.46
CA PRO B 280 18.70 -12.80 -32.25
C PRO B 280 18.83 -11.69 -31.21
N THR B 281 18.08 -10.62 -31.43
CA THR B 281 17.89 -9.60 -30.41
C THR B 281 16.41 -9.37 -30.21
N GLN B 282 16.09 -8.72 -29.09
CA GLN B 282 14.71 -8.43 -28.74
C GLN B 282 13.97 -7.74 -29.88
N VAL B 283 14.48 -6.59 -30.32
CA VAL B 283 13.85 -5.77 -31.38
C VAL B 283 13.90 -6.43 -32.77
N ARG B 284 15.10 -6.76 -33.22
CA ARG B 284 15.29 -7.29 -34.56
C ARG B 284 14.51 -8.59 -34.81
N ASP B 285 14.48 -9.51 -33.83
CA ASP B 285 13.94 -10.85 -34.09
C ASP B 285 12.80 -11.35 -33.20
N ALA B 286 12.85 -11.05 -31.90
CA ALA B 286 11.95 -11.66 -30.93
C ALA B 286 10.57 -11.00 -30.82
N GLY B 287 10.53 -9.67 -30.79
CA GLY B 287 9.26 -8.93 -30.70
C GLY B 287 8.20 -9.46 -31.67
N GLY B 288 7.01 -9.76 -31.15
CA GLY B 288 5.89 -10.25 -31.97
C GLY B 288 5.89 -11.72 -32.36
N LYS B 289 6.93 -12.48 -32.00
CA LYS B 289 7.02 -13.90 -32.37
C LYS B 289 6.38 -14.79 -31.32
N ASP B 290 6.14 -16.05 -31.68
CA ASP B 290 5.50 -17.01 -30.79
C ASP B 290 6.43 -18.12 -30.37
N HIS B 291 7.60 -18.17 -31.00
CA HIS B 291 8.59 -19.22 -30.72
C HIS B 291 9.77 -18.70 -29.89
N VAL B 292 10.81 -19.52 -29.77
CA VAL B 292 12.00 -19.19 -28.99
C VAL B 292 13.20 -19.04 -29.92
N LEU B 293 14.04 -18.03 -29.66
CA LEU B 293 15.18 -17.71 -30.55
C LEU B 293 16.52 -17.86 -29.84
N VAL B 294 17.40 -18.66 -30.44
CA VAL B 294 18.68 -19.03 -29.86
C VAL B 294 19.86 -18.71 -30.79
N GLY B 295 20.90 -18.12 -30.21
CA GLY B 295 22.14 -17.82 -30.92
C GLY B 295 23.32 -17.98 -29.98
N ARG B 296 24.51 -17.63 -30.47
CA ARG B 296 25.77 -17.60 -29.69
C ARG B 296 26.10 -18.94 -29.04
N VAL B 297 25.64 -20.03 -29.66
CA VAL B 297 25.92 -21.37 -29.16
C VAL B 297 27.40 -21.70 -29.33
N ARG B 298 28.08 -21.94 -28.21
CA ARG B 298 29.50 -22.12 -28.25
C ARG B 298 29.91 -22.94 -27.06
N ASN B 299 30.96 -23.74 -27.25
CA ASN B 299 31.57 -24.47 -26.17
C ASN B 299 32.04 -23.50 -25.09
N ASP B 300 31.92 -23.94 -23.85
CA ASP B 300 32.34 -23.16 -22.73
C ASP B 300 33.82 -23.49 -22.55
N ILE B 301 34.67 -22.49 -22.78
CA ILE B 301 36.13 -22.71 -22.67
C ILE B 301 36.61 -22.84 -21.22
N SER B 302 35.75 -22.51 -20.27
CA SER B 302 36.06 -22.60 -18.82
C SER B 302 35.66 -23.94 -18.18
N HIS B 303 34.95 -24.78 -18.94
CA HIS B 303 34.46 -26.05 -18.41
C HIS B 303 34.64 -27.19 -19.41
N HIS B 304 34.88 -28.40 -18.89
CA HIS B 304 34.99 -29.60 -19.73
C HIS B 304 33.72 -29.81 -20.54
N SER B 305 32.60 -29.94 -19.84
CA SER B 305 31.28 -30.17 -20.43
C SER B 305 30.38 -28.93 -20.26
N GLY B 306 30.51 -27.97 -21.16
CA GLY B 306 29.79 -26.72 -21.05
C GLY B 306 29.35 -26.14 -22.37
N ILE B 307 28.17 -25.51 -22.36
CA ILE B 307 27.66 -24.82 -23.53
C ILE B 307 27.09 -23.48 -23.06
N ASN B 308 27.40 -22.42 -23.81
CA ASN B 308 26.79 -21.12 -23.59
C ASN B 308 25.83 -20.91 -24.70
N LEU B 309 24.75 -20.18 -24.41
CA LEU B 309 23.83 -19.70 -25.44
C LEU B 309 23.20 -18.38 -25.05
N TRP B 310 22.53 -17.79 -26.03
CA TRP B 310 21.81 -16.56 -25.88
C TRP B 310 20.40 -16.88 -26.33
N VAL B 311 19.44 -16.66 -25.44
CA VAL B 311 18.06 -17.08 -25.65
C VAL B 311 17.13 -15.87 -25.52
N VAL B 312 16.22 -15.73 -26.48
CA VAL B 312 15.35 -14.57 -26.54
C VAL B 312 13.95 -15.04 -26.94
N ALA B 313 12.94 -14.40 -26.37
CA ALA B 313 11.55 -14.65 -26.72
C ALA B 313 10.73 -13.45 -26.37
N ASP B 314 9.57 -13.32 -27.00
CA ASP B 314 8.59 -12.32 -26.61
C ASP B 314 7.88 -12.84 -25.35
N ASN B 315 8.08 -12.12 -24.25
CA ASN B 315 7.63 -12.52 -22.92
C ASN B 315 6.13 -12.50 -22.75
N VAL B 316 5.46 -11.72 -23.60
CA VAL B 316 4.01 -11.56 -23.52
C VAL B 316 3.35 -12.66 -24.35
N ARG B 317 4.05 -13.10 -25.39
CA ARG B 317 3.57 -14.14 -26.29
C ARG B 317 4.04 -15.52 -25.85
N LYS B 318 5.23 -15.96 -26.27
CA LYS B 318 5.71 -17.28 -25.84
C LYS B 318 5.88 -17.37 -24.31
N GLY B 319 6.30 -16.27 -23.69
CA GLY B 319 6.49 -16.23 -22.25
C GLY B 319 5.21 -16.17 -21.43
N ALA B 320 4.06 -16.00 -22.11
CA ALA B 320 2.76 -15.92 -21.43
C ALA B 320 1.55 -16.43 -22.23
N ALA B 321 0.94 -15.56 -23.03
CA ALA B 321 -0.31 -15.89 -23.77
C ALA B 321 -0.22 -17.12 -24.68
N THR B 322 0.86 -17.23 -25.45
CA THR B 322 0.98 -18.29 -26.45
C THR B 322 1.19 -19.65 -25.80
N ASN B 323 2.04 -19.68 -24.76
CA ASN B 323 2.24 -20.89 -23.98
C ASN B 323 0.90 -21.39 -23.43
N ALA B 324 0.10 -20.46 -22.92
CA ALA B 324 -1.23 -20.76 -22.40
C ALA B 324 -2.16 -21.36 -23.46
N VAL B 325 -2.23 -20.71 -24.64
CA VAL B 325 -3.02 -21.24 -25.75
C VAL B 325 -2.51 -22.61 -26.21
N GLN B 326 -1.18 -22.76 -26.32
CA GLN B 326 -0.57 -24.04 -26.64
C GLN B 326 -0.99 -25.18 -25.69
N ILE B 327 -1.10 -24.86 -24.39
CA ILE B 327 -1.58 -25.84 -23.42
C ILE B 327 -3.04 -26.17 -23.71
N ALA B 328 -3.85 -25.13 -23.94
CA ALA B 328 -5.27 -25.31 -24.31
C ALA B 328 -5.45 -26.19 -25.56
N GLU B 329 -4.66 -25.97 -26.60
CA GLU B 329 -4.72 -26.80 -27.81
C GLU B 329 -4.50 -28.29 -27.52
N LEU B 330 -3.42 -28.62 -26.81
CA LEU B 330 -3.13 -30.02 -26.46
C LEU B 330 -4.20 -30.61 -25.55
N LEU B 331 -4.72 -29.79 -24.64
CA LEU B 331 -5.78 -30.18 -23.72
C LEU B 331 -7.05 -30.65 -24.45
N VAL B 332 -7.57 -29.82 -25.35
CA VAL B 332 -8.76 -30.18 -26.14
C VAL B 332 -8.51 -31.33 -27.12
N ARG B 333 -7.35 -31.33 -27.78
CA ARG B 333 -7.01 -32.37 -28.74
C ARG B 333 -6.90 -33.74 -28.08
N ASP B 334 -6.18 -33.80 -26.95
CA ASP B 334 -5.82 -35.10 -26.39
C ASP B 334 -6.67 -35.56 -25.20
N TYR B 335 -7.50 -34.68 -24.64
CA TYR B 335 -8.22 -34.99 -23.38
C TYR B 335 -9.74 -34.75 -23.35
N PHE B 336 -10.26 -34.00 -24.32
CA PHE B 336 -11.70 -33.69 -24.34
C PHE B 336 -12.50 -34.62 -25.27
N SER C 1 -1.35 50.09 -8.15
CA SER C 1 -0.21 50.88 -7.57
C SER C 1 -0.57 51.65 -6.30
N GLN C 2 -1.84 51.55 -5.88
CA GLN C 2 -2.26 52.03 -4.56
C GLN C 2 -1.61 51.13 -3.49
N GLN C 3 -0.95 51.74 -2.51
CA GLN C 3 -0.23 50.99 -1.47
C GLN C 3 -0.91 51.08 -0.10
N PHE C 4 -0.69 50.07 0.74
CA PHE C 4 -1.40 49.96 2.03
C PHE C 4 -0.43 49.73 3.17
N ASN C 5 -0.75 50.30 4.34
CA ASN C 5 0.00 49.99 5.55
C ASN C 5 -0.54 48.72 6.19
N VAL C 6 0.38 47.81 6.53
CA VAL C 6 0.07 46.47 6.98
C VAL C 6 0.81 46.22 8.27
N ALA C 7 0.11 45.68 9.27
CA ALA C 7 0.76 45.27 10.51
C ALA C 7 0.72 43.75 10.61
N ILE C 8 1.76 43.17 11.20
CA ILE C 8 1.75 41.77 11.61
C ILE C 8 1.90 41.67 13.12
N PHE C 9 0.85 41.17 13.76
CA PHE C 9 0.82 40.97 15.21
C PHE C 9 1.12 39.50 15.49
N GLY C 10 2.24 39.25 16.16
CA GLY C 10 2.78 37.92 16.33
C GLY C 10 3.91 37.70 15.35
N ALA C 11 4.67 38.76 15.09
CA ALA C 11 5.73 38.74 14.09
C ALA C 11 6.83 37.70 14.35
N THR C 12 7.07 37.35 15.62
CA THR C 12 8.17 36.44 15.96
C THR C 12 7.80 34.95 15.96
N GLY C 13 6.53 34.63 15.73
CA GLY C 13 6.11 33.22 15.66
C GLY C 13 6.33 32.70 14.26
N ALA C 14 6.28 31.38 14.07
CA ALA C 14 6.46 30.77 12.75
C ALA C 14 5.47 31.26 11.69
N VAL C 15 4.20 31.48 12.09
CA VAL C 15 3.19 31.96 11.13
C VAL C 15 3.42 33.43 10.78
N GLY C 16 3.67 34.26 11.79
CA GLY C 16 3.96 35.67 11.59
C GLY C 16 5.18 35.94 10.72
N GLU C 17 6.25 35.18 10.94
CA GLU C 17 7.46 35.23 10.08
C GLU C 17 7.14 34.81 8.64
N THR C 18 6.32 33.77 8.49
CA THR C 18 5.86 33.30 7.17
C THR C 18 4.95 34.31 6.49
N MET C 19 4.13 35.01 7.26
CA MET C 19 3.26 36.05 6.71
C MET C 19 4.10 37.12 6.02
N LEU C 20 5.17 37.56 6.70
CA LEU C 20 6.15 38.50 6.16
C LEU C 20 6.75 38.01 4.84
N GLU C 21 7.23 36.76 4.84
CA GLU C 21 7.79 36.17 3.63
C GLU C 21 6.77 36.10 2.52
N VAL C 22 5.54 35.71 2.85
CA VAL C 22 4.51 35.59 1.83
C VAL C 22 4.10 36.96 1.24
N LEU C 23 3.96 37.98 2.08
CA LEU C 23 3.70 39.35 1.59
C LEU C 23 4.75 39.76 0.56
N GLN C 24 6.00 39.41 0.85
CA GLN C 24 7.11 39.71 -0.05
C GLN C 24 7.04 38.85 -1.32
N GLU C 25 7.01 37.53 -1.15
CA GLU C 25 6.95 36.63 -2.32
C GLU C 25 5.79 36.94 -3.28
N ARG C 26 4.64 37.31 -2.73
CA ARG C 26 3.45 37.56 -3.56
C ARG C 26 3.36 39.02 -4.01
N GLU C 27 4.36 39.82 -3.63
CA GLU C 27 4.47 41.23 -4.04
C GLU C 27 3.21 41.99 -3.68
N PHE C 28 2.78 41.85 -2.43
CA PHE C 28 1.62 42.55 -1.91
C PHE C 28 1.97 44.04 -1.88
N PRO C 29 1.03 44.91 -2.32
CA PRO C 29 1.28 46.37 -2.32
C PRO C 29 1.37 47.00 -0.93
N VAL C 30 2.45 46.71 -0.21
CA VAL C 30 2.69 47.29 1.11
C VAL C 30 3.42 48.62 0.98
N ASP C 31 2.93 49.63 1.70
CA ASP C 31 3.62 50.89 1.89
C ASP C 31 4.53 50.69 3.09
N GLU C 32 4.01 50.86 4.30
CA GLU C 32 4.82 50.49 5.46
C GLU C 32 4.33 49.18 6.11
N LEU C 33 5.29 48.34 6.48
CA LEU C 33 5.01 47.14 7.25
C LEU C 33 5.41 47.40 8.70
N PHE C 34 4.49 47.10 9.62
CA PHE C 34 4.75 47.20 11.04
C PHE C 34 4.77 45.79 11.64
N LEU C 35 5.76 45.51 12.47
CA LEU C 35 5.85 44.21 13.13
C LEU C 35 5.66 44.39 14.62
N LEU C 36 4.72 43.63 15.19
CA LEU C 36 4.25 43.81 16.56
C LEU C 36 4.39 42.53 17.35
N ALA C 37 4.69 42.69 18.64
CA ALA C 37 4.77 41.56 19.57
C ALA C 37 4.61 42.10 20.99
N SER C 38 5.00 41.28 21.98
CA SER C 38 5.10 41.74 23.37
C SER C 38 6.30 42.65 23.61
N GLU C 39 6.57 42.93 24.87
CA GLU C 39 7.70 43.78 25.29
C GLU C 39 9.00 42.97 25.29
N ARG C 40 8.91 41.71 25.72
CA ARG C 40 10.06 40.81 25.78
C ARG C 40 10.72 40.60 24.40
N SER C 41 9.88 40.38 23.39
CA SER C 41 10.36 40.20 22.02
C SER C 41 10.21 41.50 21.22
N GLU C 42 11.27 42.31 21.22
CA GLU C 42 11.22 43.69 20.73
C GLU C 42 12.63 44.27 20.56
N GLY C 43 12.85 44.97 19.44
CA GLY C 43 14.18 45.41 19.05
C GLY C 43 14.78 44.46 18.03
N LYS C 44 14.25 43.24 18.02
CA LYS C 44 14.52 42.24 16.99
C LYS C 44 14.20 42.88 15.63
N THR C 45 14.95 42.51 14.60
CA THR C 45 14.73 43.06 13.27
C THR C 45 14.50 41.95 12.27
N TYR C 46 13.84 42.31 11.18
CA TYR C 46 13.60 41.41 10.07
C TYR C 46 13.79 42.19 8.79
N ARG C 47 14.14 41.47 7.73
CA ARG C 47 14.28 42.07 6.41
C ARG C 47 12.98 41.89 5.63
N PHE C 48 12.53 42.96 4.99
CA PHE C 48 11.33 42.90 4.18
C PHE C 48 11.49 43.79 2.98
N ASN C 49 11.42 43.20 1.79
CA ASN C 49 11.59 43.96 0.54
C ASN C 49 12.87 44.81 0.53
N GLY C 50 13.94 44.29 1.10
CA GLY C 50 15.23 44.99 1.14
C GLY C 50 15.34 46.08 2.19
N LYS C 51 14.36 46.16 3.09
CA LYS C 51 14.36 47.16 4.17
C LYS C 51 14.48 46.42 5.49
N THR C 52 15.01 47.09 6.50
CA THR C 52 15.10 46.50 7.82
C THR C 52 13.92 46.97 8.66
N VAL C 53 13.19 46.02 9.23
CA VAL C 53 11.95 46.31 9.96
C VAL C 53 12.10 45.89 11.41
N ARG C 54 11.74 46.79 12.32
CA ARG C 54 11.96 46.61 13.75
C ARG C 54 10.69 46.15 14.46
N VAL C 55 10.80 45.10 15.26
CA VAL C 55 9.67 44.59 16.04
C VAL C 55 9.36 45.51 17.23
N GLN C 56 8.13 45.99 17.32
CA GLN C 56 7.74 46.89 18.40
C GLN C 56 6.61 46.34 19.29
N ASN C 57 6.49 46.94 20.48
CA ASN C 57 5.49 46.58 21.47
C ASN C 57 4.10 46.93 20.98
N VAL C 58 3.19 45.96 21.06
CA VAL C 58 1.78 46.19 20.69
C VAL C 58 1.08 47.20 21.61
N GLU C 59 1.43 47.18 22.90
CA GLU C 59 0.88 48.10 23.91
C GLU C 59 1.05 49.59 23.57
N GLU C 60 2.10 49.91 22.82
CA GLU C 60 2.46 51.29 22.51
C GLU C 60 2.25 51.64 21.03
N PHE C 61 1.53 50.77 20.33
CA PHE C 61 1.28 50.95 18.91
C PHE C 61 0.04 51.80 18.66
N ASP C 62 0.18 52.73 17.73
CA ASP C 62 -0.91 53.54 17.25
C ASP C 62 -1.48 52.82 16.03
N TRP C 63 -2.68 52.27 16.18
CA TRP C 63 -3.29 51.43 15.14
C TRP C 63 -3.80 52.23 13.95
N SER C 64 -3.95 53.54 14.13
CA SER C 64 -4.45 54.41 13.05
C SER C 64 -3.47 54.51 11.87
N GLN C 65 -2.23 54.12 12.11
CA GLN C 65 -1.19 54.02 11.07
C GLN C 65 -1.44 52.93 10.02
N VAL C 66 -2.44 52.08 10.20
CA VAL C 66 -2.53 50.84 9.42
C VAL C 66 -3.92 50.56 8.81
N HIS C 67 -3.94 50.01 7.60
CA HIS C 67 -5.16 49.67 6.88
C HIS C 67 -5.64 48.24 7.21
N ILE C 68 -4.68 47.31 7.25
CA ILE C 68 -4.95 45.88 7.44
C ILE C 68 -3.98 45.36 8.50
N ALA C 69 -4.47 44.49 9.39
CA ALA C 69 -3.61 43.78 10.33
C ALA C 69 -3.79 42.27 10.17
N LEU C 70 -2.66 41.55 10.13
CA LEU C 70 -2.63 40.08 10.16
C LEU C 70 -2.27 39.64 11.57
N PHE C 71 -3.14 38.86 12.20
CA PHE C 71 -2.97 38.46 13.60
C PHE C 71 -2.65 36.97 13.68
N SER C 72 -1.54 36.65 14.36
CA SER C 72 -1.25 35.28 14.75
C SER C 72 -0.46 35.27 16.05
N ALA C 73 -1.05 35.82 17.11
CA ALA C 73 -0.41 35.85 18.44
C ALA C 73 -1.16 35.03 19.49
N GLY C 74 -2.09 34.18 19.06
CA GLY C 74 -2.92 33.41 20.00
C GLY C 74 -4.26 34.05 20.29
N GLY C 75 -5.24 33.22 20.66
CA GLY C 75 -6.64 33.64 20.76
C GLY C 75 -6.95 34.73 21.77
N GLU C 76 -6.20 34.72 22.88
CA GLU C 76 -6.41 35.63 24.01
C GLU C 76 -6.01 37.03 23.63
N LEU C 77 -4.92 37.12 22.88
CA LEU C 77 -4.42 38.41 22.44
C LEU C 77 -5.28 38.96 21.29
N SER C 78 -5.87 38.07 20.49
CA SER C 78 -6.81 38.51 19.45
C SER C 78 -8.10 39.05 20.02
N ALA C 79 -8.63 38.40 21.05
CA ALA C 79 -9.82 38.89 21.75
C ALA C 79 -9.58 40.28 22.31
N LYS C 80 -8.36 40.53 22.80
CA LYS C 80 -7.95 41.81 23.40
C LYS C 80 -7.72 42.87 22.32
N TRP C 81 -6.86 42.54 21.37
CA TRP C 81 -6.35 43.53 20.43
C TRP C 81 -7.16 43.76 19.16
N ALA C 82 -7.81 42.73 18.62
CA ALA C 82 -8.61 42.91 17.40
C ALA C 82 -9.70 43.99 17.49
N PRO C 83 -10.54 43.97 18.57
CA PRO C 83 -11.53 45.04 18.76
C PRO C 83 -10.92 46.45 18.87
N ILE C 84 -9.71 46.53 19.42
CA ILE C 84 -8.96 47.78 19.51
C ILE C 84 -8.53 48.23 18.11
N ALA C 85 -7.86 47.36 17.36
CA ALA C 85 -7.48 47.68 15.98
C ALA C 85 -8.72 48.05 15.16
N ALA C 86 -9.77 47.25 15.29
CA ALA C 86 -11.03 47.49 14.58
C ALA C 86 -11.63 48.86 14.86
N GLU C 87 -11.64 49.31 16.12
CA GLU C 87 -12.26 50.61 16.43
C GLU C 87 -11.46 51.78 15.84
N ALA C 88 -10.16 51.56 15.65
CA ALA C 88 -9.25 52.53 15.00
C ALA C 88 -9.38 52.56 13.45
N GLY C 89 -10.22 51.69 12.89
CA GLY C 89 -10.40 51.62 11.44
C GLY C 89 -9.60 50.55 10.68
N VAL C 90 -8.91 49.68 11.41
CA VAL C 90 -8.12 48.62 10.81
C VAL C 90 -9.01 47.39 10.52
N VAL C 91 -8.80 46.76 9.38
CA VAL C 91 -9.40 45.45 9.12
C VAL C 91 -8.42 44.35 9.56
N VAL C 92 -8.88 43.54 10.51
CA VAL C 92 -8.06 42.48 11.09
C VAL C 92 -8.38 41.17 10.38
N ILE C 93 -7.36 40.51 9.87
CA ILE C 93 -7.49 39.12 9.44
C ILE C 93 -6.84 38.24 10.53
N ASP C 94 -7.66 37.44 11.20
CA ASP C 94 -7.27 36.72 12.40
C ASP C 94 -6.98 35.22 12.17
N ASN C 95 -5.71 34.86 12.34
CA ASN C 95 -5.29 33.46 12.36
C ASN C 95 -5.24 32.90 13.79
N THR C 96 -6.40 32.89 14.45
CA THR C 96 -6.61 32.15 15.67
C THR C 96 -8.02 31.61 15.53
N SER C 97 -8.41 30.74 16.44
CA SER C 97 -9.74 30.14 16.42
C SER C 97 -10.78 31.03 17.07
N HIS C 98 -10.33 32.12 17.70
CA HIS C 98 -11.24 32.87 18.60
C HIS C 98 -12.54 33.35 17.98
N PHE C 99 -12.47 33.94 16.79
CA PHE C 99 -13.62 34.59 16.19
C PHE C 99 -14.34 33.77 15.11
N ARG C 100 -13.87 32.56 14.84
CA ARG C 100 -14.28 31.80 13.65
C ARG C 100 -15.74 31.38 13.63
N TYR C 101 -16.34 31.26 14.81
CA TYR C 101 -17.70 30.75 14.97
C TYR C 101 -18.65 31.86 15.40
N ASP C 102 -18.13 33.08 15.50
CA ASP C 102 -18.96 34.28 15.64
C ASP C 102 -19.83 34.46 14.39
N TYR C 103 -21.14 34.52 14.59
CA TYR C 103 -22.05 34.62 13.46
C TYR C 103 -21.79 35.83 12.56
N ASP C 104 -21.38 36.95 13.16
CA ASP C 104 -21.16 38.20 12.41
C ASP C 104 -19.76 38.34 11.83
N ILE C 105 -18.96 37.29 11.93
CA ILE C 105 -17.60 37.28 11.38
C ILE C 105 -17.45 36.22 10.29
N PRO C 106 -17.02 36.63 9.08
CA PRO C 106 -16.85 35.68 7.97
C PRO C 106 -15.59 34.81 8.17
N LEU C 107 -15.71 33.53 7.85
CA LEU C 107 -14.63 32.55 7.91
C LEU C 107 -14.30 32.13 6.49
N VAL C 108 -13.11 32.50 6.00
CA VAL C 108 -12.88 32.59 4.56
C VAL C 108 -11.75 31.71 4.00
N VAL C 109 -12.11 30.95 2.99
CA VAL C 109 -11.14 30.33 2.10
C VAL C 109 -11.38 30.96 0.72
N PRO C 110 -10.39 31.73 0.22
CA PRO C 110 -10.62 32.53 -0.99
C PRO C 110 -10.99 31.73 -2.23
N GLU C 111 -10.50 30.48 -2.33
CA GLU C 111 -10.90 29.56 -3.42
C GLU C 111 -12.34 29.07 -3.27
N VAL C 112 -12.94 29.24 -2.10
CA VAL C 112 -14.21 28.59 -1.77
C VAL C 112 -15.35 29.59 -1.61
N ASN C 113 -15.25 30.47 -0.61
CA ASN C 113 -16.29 31.46 -0.33
C ASN C 113 -15.79 32.90 -0.30
N PRO C 114 -15.15 33.39 -1.39
CA PRO C 114 -14.55 34.73 -1.44
C PRO C 114 -15.53 35.87 -1.16
N GLU C 115 -16.81 35.63 -1.40
CA GLU C 115 -17.87 36.64 -1.28
C GLU C 115 -18.19 36.97 0.18
N ALA C 116 -17.85 36.05 1.08
CA ALA C 116 -18.09 36.28 2.51
C ALA C 116 -17.22 37.40 3.07
N ILE C 117 -16.11 37.69 2.38
CA ILE C 117 -15.21 38.76 2.80
C ILE C 117 -15.95 40.08 3.02
N ALA C 118 -16.98 40.32 2.19
CA ALA C 118 -17.88 41.47 2.34
C ALA C 118 -18.38 41.69 3.77
N GLU C 119 -18.55 40.60 4.53
CA GLU C 119 -19.02 40.69 5.93
C GLU C 119 -17.99 41.30 6.91
N PHE C 120 -16.79 41.60 6.44
CA PHE C 120 -15.77 42.28 7.25
C PHE C 120 -16.28 43.58 7.88
N ARG C 121 -17.28 44.19 7.23
CA ARG C 121 -17.83 45.46 7.68
C ARG C 121 -18.60 45.37 8.98
N ASN C 122 -19.08 44.17 9.34
CA ASN C 122 -19.76 43.98 10.63
C ASN C 122 -18.91 44.46 11.80
N ARG C 123 -17.67 43.95 11.89
CA ARG C 123 -16.80 44.28 13.03
C ARG C 123 -15.35 44.58 12.67
N ASN C 124 -15.07 44.76 11.38
CA ASN C 124 -13.70 44.97 10.86
C ASN C 124 -12.78 43.77 11.12
N ILE C 125 -13.37 42.57 11.17
CA ILE C 125 -12.63 41.35 11.47
C ILE C 125 -13.06 40.27 10.49
N ILE C 126 -12.07 39.59 9.90
CA ILE C 126 -12.27 38.41 9.08
C ILE C 126 -11.48 37.30 9.77
N ALA C 127 -12.05 36.10 9.84
CA ALA C 127 -11.35 34.98 10.47
C ALA C 127 -10.73 34.06 9.45
N ASN C 128 -9.48 33.69 9.71
CA ASN C 128 -8.73 32.70 8.95
C ASN C 128 -9.06 31.31 9.53
N PRO C 129 -9.48 30.36 8.67
CA PRO C 129 -9.84 29.01 9.14
C PRO C 129 -8.68 28.12 9.56
N ASN C 130 -9.02 27.02 10.23
CA ASN C 130 -8.10 25.99 10.70
C ASN C 130 -7.36 25.37 9.50
N CYS C 131 -6.08 25.05 9.66
CA CYS C 131 -5.23 24.52 8.59
C CYS C 131 -5.78 23.25 7.93
N SER C 132 -6.14 22.26 8.74
CA SER C 132 -6.72 21.00 8.25
C SER C 132 -7.99 21.21 7.39
N THR C 133 -8.85 22.12 7.84
CA THR C 133 -10.04 22.50 7.10
C THR C 133 -9.71 23.20 5.78
N ILE C 134 -8.87 24.23 5.81
CA ILE C 134 -8.42 24.89 4.57
C ILE C 134 -8.03 23.91 3.45
N GLN C 135 -7.13 22.98 3.72
CA GLN C 135 -6.64 22.11 2.65
C GLN C 135 -7.71 21.12 2.16
N MET C 136 -8.50 20.61 3.10
CA MET C 136 -9.63 19.79 2.74
C MET C 136 -10.63 20.50 1.81
N LEU C 137 -10.99 21.75 2.11
CA LEU C 137 -12.07 22.43 1.36
C LEU C 137 -11.65 22.90 -0.03
N VAL C 138 -10.38 23.28 -0.18
CA VAL C 138 -9.80 23.60 -1.48
C VAL C 138 -9.89 22.37 -2.40
N ALA C 139 -9.53 21.20 -1.88
CA ALA C 139 -9.66 19.94 -2.64
C ALA C 139 -11.10 19.55 -2.96
N LEU C 140 -12.02 19.77 -2.03
CA LEU C 140 -13.39 19.27 -2.19
C LEU C 140 -14.33 20.22 -2.92
N LYS C 141 -13.96 21.50 -2.95
CA LYS C 141 -14.77 22.55 -3.58
C LYS C 141 -15.21 22.21 -5.02
N PRO C 142 -14.27 21.82 -5.91
CA PRO C 142 -14.72 21.48 -7.27
C PRO C 142 -15.66 20.29 -7.32
N ILE C 143 -15.47 19.30 -6.44
CA ILE C 143 -16.38 18.16 -6.31
C ILE C 143 -17.74 18.63 -5.80
N TYR C 144 -17.72 19.49 -4.79
CA TYR C 144 -18.93 20.04 -4.19
C TYR C 144 -19.81 20.76 -5.22
N ASP C 145 -19.17 21.57 -6.06
CA ASP C 145 -19.84 22.36 -7.10
C ASP C 145 -20.40 21.51 -8.23
N ALA C 146 -19.69 20.43 -8.58
CA ALA C 146 -20.12 19.53 -9.65
C ALA C 146 -21.31 18.63 -9.27
N VAL C 147 -21.16 17.91 -8.15
CA VAL C 147 -22.09 16.84 -7.77
C VAL C 147 -22.60 16.94 -6.34
N GLY C 148 -22.14 17.94 -5.59
CA GLY C 148 -22.48 18.03 -4.18
C GLY C 148 -21.75 17.01 -3.31
N ILE C 149 -21.78 17.25 -2.00
CA ILE C 149 -21.21 16.35 -1.03
C ILE C 149 -22.19 16.15 0.10
N GLU C 150 -22.56 14.90 0.33
CA GLU C 150 -23.46 14.55 1.45
C GLU C 150 -22.66 14.30 2.72
N ARG C 151 -21.58 13.53 2.61
CA ARG C 151 -20.85 13.09 3.82
C ARG C 151 -19.34 12.99 3.56
N ILE C 152 -18.56 13.41 4.55
CA ILE C 152 -17.09 13.27 4.50
C ILE C 152 -16.57 12.44 5.69
N ASN C 153 -15.89 11.34 5.42
CA ASN C 153 -15.04 10.72 6.43
C ASN C 153 -13.60 11.21 6.23
N VAL C 154 -12.99 11.70 7.28
CA VAL C 154 -11.63 12.20 7.16
C VAL C 154 -10.82 11.77 8.39
N THR C 155 -9.60 11.32 8.18
CA THR C 155 -8.66 11.15 9.27
C THR C 155 -7.37 11.84 8.87
N THR C 156 -6.72 12.46 9.85
CA THR C 156 -5.59 13.33 9.55
C THR C 156 -4.26 12.73 10.00
N TYR C 157 -3.20 13.21 9.38
CA TYR C 157 -1.84 12.86 9.72
C TYR C 157 -1.16 14.22 9.95
N GLN C 158 -1.22 14.73 11.19
CA GLN C 158 -0.90 16.14 11.44
C GLN C 158 0.46 16.40 12.10
N SER C 159 1.28 17.24 11.48
CA SER C 159 2.66 17.46 11.96
C SER C 159 2.74 18.22 13.28
N VAL C 160 3.86 18.07 13.97
CA VAL C 160 4.07 18.65 15.30
C VAL C 160 4.09 20.19 15.28
N SER C 161 4.35 20.77 14.10
CA SER C 161 4.43 22.22 13.98
C SER C 161 3.06 22.85 14.22
N GLY C 162 2.00 22.03 14.14
CA GLY C 162 0.67 22.46 14.51
C GLY C 162 0.65 22.92 15.96
N ALA C 163 1.62 22.45 16.75
CA ALA C 163 1.77 22.85 18.16
C ALA C 163 2.90 23.85 18.38
N GLY C 164 3.24 24.61 17.33
CA GLY C 164 4.28 25.62 17.42
C GLY C 164 5.66 25.06 17.67
N LYS C 165 6.57 25.93 18.09
CA LYS C 165 7.97 25.59 18.20
C LYS C 165 8.20 24.64 19.38
N ALA C 166 7.33 24.73 20.38
CA ALA C 166 7.29 23.72 21.45
C ALA C 166 7.14 22.29 20.92
N GLY C 167 6.24 22.12 19.94
CA GLY C 167 6.01 20.81 19.33
C GLY C 167 7.21 20.28 18.56
N ILE C 168 7.80 21.15 17.74
CA ILE C 168 9.01 20.85 16.99
C ILE C 168 10.16 20.43 17.90
N ASP C 169 10.42 21.22 18.94
CA ASP C 169 11.47 20.95 19.91
C ASP C 169 11.26 19.62 20.60
N GLU C 170 10.01 19.31 20.92
CA GLU C 170 9.67 18.05 21.54
C GLU C 170 9.98 16.86 20.60
N LEU C 171 9.68 17.00 19.30
CA LEU C 171 9.97 15.92 18.35
C LEU C 171 11.46 15.76 18.06
N ALA C 172 12.11 16.82 17.60
CA ALA C 172 13.56 16.83 17.38
C ALA C 172 14.28 16.42 18.65
N GLY C 173 13.75 16.86 19.79
CA GLY C 173 14.32 16.56 21.09
C GLY C 173 14.29 15.10 21.46
N GLN C 174 13.09 14.52 21.53
CA GLN C 174 12.91 13.11 21.92
C GLN C 174 13.57 12.13 20.97
N THR C 175 13.52 12.44 19.68
CA THR C 175 14.09 11.56 18.65
C THR C 175 15.61 11.42 18.83
N ALA C 176 16.30 12.55 19.02
CA ALA C 176 17.72 12.59 19.34
C ALA C 176 18.06 11.76 20.58
N LYS C 177 17.37 12.03 21.69
CA LYS C 177 17.61 11.35 22.95
C LYS C 177 17.42 9.83 22.89
N LEU C 178 16.41 9.38 22.14
CA LEU C 178 16.12 7.95 22.02
C LEU C 178 17.13 7.21 21.14
N LEU C 179 17.58 7.86 20.06
CA LEU C 179 18.61 7.29 19.20
C LEU C 179 19.97 7.23 19.90
N ASN C 180 20.05 7.88 21.07
CA ASN C 180 21.27 7.88 21.89
C ASN C 180 21.04 7.28 23.28
N GLY C 181 20.04 6.41 23.41
CA GLY C 181 19.84 5.61 24.63
C GLY C 181 19.10 6.26 25.80
N TYR C 182 18.89 7.57 25.73
CA TYR C 182 18.19 8.30 26.80
C TYR C 182 16.66 8.24 26.67
N PRO C 183 15.95 8.17 27.80
CA PRO C 183 14.48 8.14 27.76
C PRO C 183 13.88 9.43 27.19
N ALA C 184 12.63 9.34 26.71
CA ALA C 184 11.92 10.48 26.18
C ALA C 184 11.21 11.24 27.30
N GLU C 185 11.31 12.57 27.29
CA GLU C 185 10.56 13.43 28.18
C GLU C 185 9.41 14.07 27.41
N THR C 186 8.21 13.96 27.96
CA THR C 186 7.04 14.56 27.34
C THR C 186 6.67 15.84 28.09
N ASN C 187 6.92 16.98 27.47
CA ASN C 187 6.65 18.28 28.08
C ASN C 187 5.45 18.99 27.43
N THR C 188 5.12 18.59 26.21
CA THR C 188 4.08 19.26 25.43
C THR C 188 2.86 18.36 25.18
N PHE C 189 3.07 17.25 24.47
CA PHE C 189 1.96 16.42 24.05
C PHE C 189 1.50 15.50 25.18
N SER C 190 0.29 14.95 25.04
CA SER C 190 -0.29 14.08 26.06
C SER C 190 0.48 12.78 26.24
N GLN C 191 1.27 12.43 25.22
CA GLN C 191 2.08 11.20 25.18
C GLN C 191 3.35 11.46 24.38
N GLN C 192 4.26 10.50 24.37
CA GLN C 192 5.46 10.58 23.53
C GLN C 192 5.05 10.68 22.05
N ILE C 193 5.72 11.57 21.32
CA ILE C 193 5.43 11.71 19.91
C ILE C 193 6.48 11.08 19.01
N ALA C 194 7.73 11.05 19.47
CA ALA C 194 8.81 10.44 18.70
C ALA C 194 8.41 9.01 18.42
N PHE C 195 8.47 8.64 17.14
CA PHE C 195 8.16 7.28 16.67
C PHE C 195 6.77 6.78 17.11
N ASN C 196 5.80 7.70 17.19
CA ASN C 196 4.49 7.41 17.78
C ASN C 196 3.37 8.17 17.04
N CYS C 197 2.13 7.73 17.22
CA CYS C 197 0.97 8.45 16.69
C CYS C 197 0.00 8.65 17.84
N ILE C 198 -0.52 9.86 17.96
CA ILE C 198 -1.41 10.23 19.06
C ILE C 198 -2.76 10.69 18.50
N PRO C 199 -3.82 9.86 18.67
CA PRO C 199 -5.16 10.16 18.13
C PRO C 199 -5.87 11.24 18.96
N GLN C 200 -5.14 12.31 19.28
CA GLN C 200 -5.73 13.42 20.03
C GLN C 200 -5.03 14.73 19.70
N ILE C 201 -5.81 15.67 19.19
CA ILE C 201 -5.36 17.05 18.95
C ILE C 201 -6.38 17.98 19.66
N ASP C 202 -5.88 18.76 20.62
CA ASP C 202 -6.73 19.66 21.43
C ASP C 202 -7.60 18.89 22.44
N GLN C 203 -8.44 19.63 23.16
CA GLN C 203 -9.26 19.12 24.25
C GLN C 203 -10.39 18.21 23.76
N PHE C 204 -10.75 17.20 24.57
CA PHE C 204 -11.93 16.37 24.34
C PHE C 204 -13.24 17.10 24.62
N MET C 205 -14.19 16.95 23.69
CA MET C 205 -15.55 17.50 23.86
C MET C 205 -16.45 16.44 24.50
N ASP C 206 -17.65 16.86 24.89
CA ASP C 206 -18.59 15.95 25.54
C ASP C 206 -19.23 14.93 24.60
N ASN C 207 -19.15 15.16 23.29
CA ASN C 207 -19.58 14.15 22.32
C ASN C 207 -18.49 13.11 22.00
N GLY C 208 -17.34 13.23 22.63
CA GLY C 208 -16.22 12.29 22.43
C GLY C 208 -15.18 12.71 21.42
N TYR C 209 -15.57 13.57 20.48
CA TYR C 209 -14.63 14.17 19.53
C TYR C 209 -13.73 15.21 20.21
N THR C 210 -12.58 15.52 19.61
CA THR C 210 -11.71 16.57 20.14
C THR C 210 -12.13 17.90 19.51
N LYS C 211 -11.63 19.02 20.03
CA LYS C 211 -11.91 20.33 19.43
C LYS C 211 -11.44 20.43 17.97
N GLU C 212 -10.24 19.93 17.69
CA GLU C 212 -9.73 19.93 16.33
C GLU C 212 -10.70 19.21 15.38
N GLU C 213 -11.25 18.10 15.86
CA GLU C 213 -12.23 17.33 15.10
C GLU C 213 -13.49 18.17 14.85
N MET C 214 -13.98 18.83 15.89
CA MET C 214 -15.20 19.66 15.76
C MET C 214 -15.03 20.89 14.86
N LYS C 215 -13.81 21.43 14.82
CA LYS C 215 -13.46 22.50 13.90
C LYS C 215 -13.65 22.05 12.46
N MET C 216 -13.14 20.87 12.14
CA MET C 216 -13.30 20.37 10.80
C MET C 216 -14.78 20.23 10.45
N VAL C 217 -15.62 19.97 11.45
CA VAL C 217 -17.06 19.82 11.25
C VAL C 217 -17.69 21.19 11.05
N TRP C 218 -17.62 22.02 12.08
CA TRP C 218 -18.26 23.33 12.12
C TRP C 218 -17.72 24.36 11.11
N GLU C 219 -16.41 24.33 10.84
CA GLU C 219 -15.84 25.30 9.88
C GLU C 219 -16.22 24.89 8.46
N THR C 220 -16.19 23.60 8.15
CA THR C 220 -16.67 23.11 6.88
C THR C 220 -18.11 23.54 6.63
N GLN C 221 -18.99 23.32 7.60
CA GLN C 221 -20.39 23.73 7.50
C GLN C 221 -20.56 25.25 7.31
N LYS C 222 -19.78 26.05 8.04
CA LYS C 222 -19.86 27.51 7.91
C LYS C 222 -19.34 27.97 6.54
N ILE C 223 -18.20 27.41 6.11
CA ILE C 223 -17.56 27.86 4.89
C ILE C 223 -18.31 27.45 3.62
N PHE C 224 -18.84 26.23 3.59
CA PHE C 224 -19.68 25.80 2.48
C PHE C 224 -21.09 26.37 2.66
N ASN C 225 -21.33 27.02 3.82
CA ASN C 225 -22.62 27.63 4.15
C ASN C 225 -23.74 26.58 4.05
N ASP C 226 -23.43 25.37 4.53
CA ASP C 226 -24.31 24.20 4.38
C ASP C 226 -24.33 23.34 5.64
N PRO C 227 -25.41 23.46 6.44
CA PRO C 227 -25.56 22.67 7.66
C PRO C 227 -25.92 21.20 7.40
N SER C 228 -26.03 20.81 6.13
CA SER C 228 -26.40 19.43 5.78
C SER C 228 -25.21 18.57 5.31
N ILE C 229 -24.03 19.16 5.12
CA ILE C 229 -22.80 18.38 4.87
C ILE C 229 -22.40 17.72 6.16
N MET C 230 -22.36 16.40 6.16
CA MET C 230 -21.97 15.65 7.34
C MET C 230 -20.45 15.42 7.31
N VAL C 231 -19.80 15.69 8.43
CA VAL C 231 -18.34 15.55 8.53
C VAL C 231 -17.99 14.65 9.71
N ASN C 232 -17.16 13.64 9.45
CA ASN C 232 -16.76 12.67 10.49
C ASN C 232 -15.23 12.53 10.58
N PRO C 233 -14.59 13.33 11.44
CA PRO C 233 -13.12 13.28 11.53
C PRO C 233 -12.55 12.46 12.67
N THR C 234 -11.35 11.88 12.44
CA THR C 234 -10.45 11.51 13.51
C THR C 234 -9.14 12.23 13.25
N CYS C 235 -8.73 13.08 14.20
CA CYS C 235 -7.49 13.85 14.06
C CYS C 235 -6.35 13.22 14.88
N VAL C 236 -5.24 12.92 14.20
CA VAL C 236 -4.13 12.19 14.77
C VAL C 236 -2.82 12.99 14.60
N ARG C 237 -2.07 13.13 15.68
CA ARG C 237 -0.74 13.72 15.64
C ARG C 237 0.29 12.67 15.20
N VAL C 238 1.13 13.01 14.23
CA VAL C 238 2.18 12.10 13.71
C VAL C 238 3.60 12.70 13.86
N PRO C 239 4.65 11.85 13.83
CA PRO C 239 6.02 12.33 14.10
C PRO C 239 6.66 12.92 12.85
N VAL C 240 6.03 13.99 12.39
CA VAL C 240 6.42 14.71 11.20
C VAL C 240 6.59 16.15 11.66
N PHE C 241 7.51 16.90 11.00
CA PHE C 241 7.73 18.33 11.33
C PHE C 241 6.76 19.29 10.65
N TYR C 242 6.71 19.31 9.32
CA TYR C 242 5.90 20.28 8.57
C TYR C 242 4.91 19.65 7.57
N GLY C 243 3.76 20.29 7.38
CA GLY C 243 2.72 19.80 6.50
C GLY C 243 1.72 18.86 7.19
N HIS C 244 0.48 18.93 6.76
CA HIS C 244 -0.57 18.05 7.24
C HIS C 244 -1.02 17.20 6.07
N ALA C 245 -1.26 15.91 6.34
CA ALA C 245 -1.93 15.07 5.37
C ALA C 245 -3.29 14.59 5.86
N GLU C 246 -4.17 14.31 4.93
CA GLU C 246 -5.49 13.83 5.27
C GLU C 246 -5.89 12.73 4.32
N ALA C 247 -6.44 11.68 4.91
CA ALA C 247 -7.14 10.64 4.19
C ALA C 247 -8.63 11.01 4.14
N VAL C 248 -9.13 11.33 2.94
CA VAL C 248 -10.49 11.85 2.77
C VAL C 248 -11.37 10.87 1.96
N HIS C 249 -12.48 10.43 2.55
CA HIS C 249 -13.39 9.51 1.88
C HIS C 249 -14.74 10.21 1.78
N VAL C 250 -15.08 10.74 0.62
CA VAL C 250 -16.30 11.54 0.49
C VAL C 250 -17.41 10.81 -0.26
N GLU C 251 -18.64 11.05 0.20
CA GLU C 251 -19.84 10.58 -0.46
C GLU C 251 -20.51 11.75 -1.16
N THR C 252 -20.66 11.65 -2.48
CA THR C 252 -21.21 12.73 -3.30
C THR C 252 -22.74 12.59 -3.42
N ARG C 253 -23.41 13.68 -3.82
CA ARG C 253 -24.87 13.67 -3.87
C ARG C 253 -25.36 13.11 -5.19
N ALA C 254 -24.51 13.20 -6.20
CA ALA C 254 -24.72 12.55 -7.49
C ALA C 254 -23.45 11.79 -7.80
N PRO C 255 -23.57 10.63 -8.49
CA PRO C 255 -22.37 9.87 -8.88
C PRO C 255 -21.38 10.65 -9.72
N ILE C 256 -20.10 10.40 -9.49
CA ILE C 256 -19.02 10.98 -10.27
C ILE C 256 -17.86 9.99 -10.29
N ASP C 257 -17.18 9.89 -11.43
CA ASP C 257 -16.06 8.98 -11.52
C ASP C 257 -14.76 9.71 -11.15
N ALA C 258 -13.79 8.94 -10.65
CA ALA C 258 -12.48 9.46 -10.27
C ALA C 258 -11.77 10.15 -11.43
N GLU C 259 -11.99 9.65 -12.65
CA GLU C 259 -11.44 10.28 -13.85
C GLU C 259 -11.92 11.73 -14.04
N GLN C 260 -13.20 11.99 -13.78
CA GLN C 260 -13.75 13.35 -13.84
C GLN C 260 -13.30 14.24 -12.69
N VAL C 261 -13.19 13.69 -11.48
CA VAL C 261 -12.72 14.48 -10.34
C VAL C 261 -11.27 14.90 -10.54
N MET C 262 -10.44 13.95 -10.98
CA MET C 262 -9.05 14.23 -11.30
C MET C 262 -8.89 15.32 -12.37
N ASP C 263 -9.72 15.27 -13.41
CA ASP C 263 -9.71 16.29 -14.47
C ASP C 263 -10.06 17.66 -13.90
N MET C 264 -11.09 17.72 -13.07
CA MET C 264 -11.52 18.97 -12.44
C MET C 264 -10.42 19.60 -11.59
N LEU C 265 -9.84 18.79 -10.71
CA LEU C 265 -8.81 19.25 -9.76
C LEU C 265 -7.57 19.77 -10.47
N GLU C 266 -7.09 19.00 -11.45
CA GLU C 266 -5.97 19.40 -12.29
C GLU C 266 -6.22 20.74 -13.01
N GLN C 267 -7.47 21.00 -13.37
CA GLN C 267 -7.86 22.27 -13.99
C GLN C 267 -8.14 23.37 -12.97
N THR C 268 -8.17 23.00 -11.68
CA THR C 268 -8.33 23.97 -10.62
C THR C 268 -6.96 24.53 -10.23
N ASP C 269 -6.87 25.87 -10.21
CA ASP C 269 -5.67 26.57 -9.75
C ASP C 269 -5.63 26.55 -8.24
N GLY C 270 -4.43 26.33 -7.69
CA GLY C 270 -4.26 26.17 -6.25
C GLY C 270 -4.29 24.72 -5.82
N ILE C 271 -4.49 23.82 -6.79
CA ILE C 271 -4.41 22.37 -6.59
C ILE C 271 -3.37 21.77 -7.53
N GLU C 272 -2.45 20.99 -6.98
CA GLU C 272 -1.55 20.17 -7.77
C GLU C 272 -1.98 18.71 -7.67
N LEU C 273 -2.53 18.17 -8.75
CA LEU C 273 -2.97 16.76 -8.80
C LEU C 273 -1.85 15.79 -9.19
N PHE C 274 -1.70 14.75 -8.37
CA PHE C 274 -0.76 13.65 -8.62
C PHE C 274 -1.53 12.43 -9.12
N ARG C 275 -1.21 11.97 -10.33
CA ARG C 275 -1.88 10.83 -10.96
C ARG C 275 -1.08 9.53 -10.82
N GLY C 276 -1.76 8.40 -11.01
CA GLY C 276 -1.13 7.08 -11.10
C GLY C 276 -0.49 6.61 -9.81
N ALA C 277 0.72 6.06 -9.93
CA ALA C 277 1.48 5.60 -8.76
C ALA C 277 2.23 6.74 -8.06
N ASP C 278 2.00 7.97 -8.50
CA ASP C 278 2.60 9.16 -7.89
C ASP C 278 1.64 9.79 -6.86
N PHE C 279 2.15 10.16 -5.70
CA PHE C 279 1.33 10.84 -4.66
C PHE C 279 2.16 11.81 -3.82
N PRO C 280 1.54 12.90 -3.33
CA PRO C 280 2.32 13.84 -2.52
C PRO C 280 2.51 13.37 -1.08
N THR C 281 3.69 13.66 -0.53
CA THR C 281 3.89 13.48 0.90
C THR C 281 4.36 14.78 1.55
N GLN C 282 4.34 14.79 2.88
CA GLN C 282 4.68 15.95 3.68
C GLN C 282 6.15 16.41 3.45
N VAL C 283 7.10 15.51 3.73
CA VAL C 283 8.54 15.81 3.59
C VAL C 283 8.95 16.12 2.15
N ARG C 284 8.37 15.41 1.19
CA ARG C 284 8.85 15.43 -0.17
C ARG C 284 8.20 16.50 -1.06
N ASP C 285 6.92 16.79 -0.82
CA ASP C 285 6.15 17.69 -1.70
C ASP C 285 5.47 18.90 -1.05
N ALA C 286 5.15 18.82 0.24
CA ALA C 286 4.37 19.85 0.96
C ALA C 286 5.17 21.04 1.45
N GLY C 287 6.33 20.78 2.03
CA GLY C 287 7.19 21.82 2.59
C GLY C 287 7.50 22.95 1.62
N GLY C 288 7.15 24.17 2.04
CA GLY C 288 7.49 25.38 1.32
C GLY C 288 6.51 25.78 0.24
N LYS C 289 5.42 25.02 0.12
CA LYS C 289 4.43 25.26 -0.93
C LYS C 289 3.24 26.07 -0.44
N ASP C 290 2.66 26.83 -1.37
CA ASP C 290 1.52 27.71 -1.09
C ASP C 290 0.23 27.12 -1.60
N HIS C 291 0.29 25.94 -2.19
CA HIS C 291 -0.92 25.33 -2.71
C HIS C 291 -1.24 23.98 -2.07
N VAL C 292 -2.34 23.39 -2.50
CA VAL C 292 -2.84 22.15 -1.94
C VAL C 292 -2.51 21.02 -2.90
N LEU C 293 -1.98 19.93 -2.34
CA LEU C 293 -1.52 18.78 -3.11
C LEU C 293 -2.44 17.58 -2.88
N VAL C 294 -2.87 16.94 -3.97
CA VAL C 294 -3.73 15.75 -3.88
C VAL C 294 -3.32 14.56 -4.75
N GLY C 295 -3.46 13.37 -4.17
CA GLY C 295 -3.21 12.11 -4.87
C GLY C 295 -4.18 11.04 -4.42
N ARG C 296 -3.91 9.80 -4.86
CA ARG C 296 -4.72 8.62 -4.57
C ARG C 296 -6.21 8.79 -4.89
N VAL C 297 -6.53 9.63 -5.88
CA VAL C 297 -7.94 9.84 -6.25
C VAL C 297 -8.45 8.58 -6.93
N ARG C 298 -9.52 8.01 -6.37
CA ARG C 298 -10.05 6.73 -6.82
C ARG C 298 -11.50 6.57 -6.37
N ASN C 299 -12.28 5.84 -7.17
CA ASN C 299 -13.64 5.48 -6.79
C ASN C 299 -13.62 4.64 -5.53
N ASP C 300 -14.59 4.91 -4.66
CA ASP C 300 -14.79 4.18 -3.44
C ASP C 300 -15.57 2.90 -3.82
N ILE C 301 -14.93 1.76 -3.68
CA ILE C 301 -15.57 0.46 -3.98
C ILE C 301 -16.65 0.05 -2.97
N SER C 302 -16.71 0.75 -1.83
CA SER C 302 -17.64 0.42 -0.77
C SER C 302 -18.97 1.21 -0.86
N HIS C 303 -19.08 2.09 -1.84
CA HIS C 303 -20.21 3.02 -1.95
C HIS C 303 -20.51 3.35 -3.43
N HIS C 304 -21.77 3.63 -3.75
CA HIS C 304 -22.16 3.90 -5.16
C HIS C 304 -21.64 5.23 -5.69
N SER C 305 -21.60 6.25 -4.84
CA SER C 305 -21.04 7.53 -5.23
C SER C 305 -20.05 8.04 -4.18
N GLY C 306 -18.93 7.35 -4.06
CA GLY C 306 -17.87 7.73 -3.14
C GLY C 306 -16.57 8.00 -3.89
N ILE C 307 -15.80 8.97 -3.40
CA ILE C 307 -14.44 9.24 -3.92
C ILE C 307 -13.45 9.25 -2.74
N ASN C 308 -12.32 8.57 -2.87
CA ASN C 308 -11.25 8.66 -1.87
C ASN C 308 -10.12 9.50 -2.41
N LEU C 309 -9.47 10.27 -1.54
CA LEU C 309 -8.32 11.06 -1.95
C LEU C 309 -7.34 11.25 -0.79
N TRP C 310 -6.18 11.76 -1.11
CA TRP C 310 -5.12 12.04 -0.16
C TRP C 310 -4.77 13.51 -0.36
N VAL C 311 -4.86 14.28 0.71
CA VAL C 311 -4.71 15.73 0.62
C VAL C 311 -3.59 16.20 1.55
N VAL C 312 -2.67 16.97 0.96
CA VAL C 312 -1.46 17.43 1.67
C VAL C 312 -1.22 18.92 1.39
N ALA C 313 -0.73 19.63 2.42
CA ALA C 313 -0.41 21.04 2.33
C ALA C 313 0.51 21.45 3.48
N ASP C 314 1.21 22.56 3.28
CA ASP C 314 2.05 23.16 4.31
C ASP C 314 1.10 23.95 5.22
N ASN C 315 1.00 23.53 6.48
CA ASN C 315 0.03 24.09 7.42
C ASN C 315 0.38 25.50 7.87
N VAL C 316 1.66 25.86 7.75
CA VAL C 316 2.11 27.20 8.12
C VAL C 316 1.88 28.19 6.94
N ARG C 317 1.86 27.66 5.73
CA ARG C 317 1.70 28.44 4.51
C ARG C 317 0.24 28.47 4.07
N LYS C 318 -0.17 27.61 3.14
CA LYS C 318 -1.58 27.60 2.71
C LYS C 318 -2.53 27.34 3.88
N GLY C 319 -2.07 26.62 4.89
CA GLY C 319 -2.90 26.36 6.07
C GLY C 319 -2.97 27.51 7.06
N ALA C 320 -2.18 28.59 6.83
CA ALA C 320 -2.22 29.78 7.69
C ALA C 320 -1.90 31.09 6.96
N ALA C 321 -0.60 31.42 6.89
CA ALA C 321 -0.10 32.70 6.37
C ALA C 321 -0.52 33.03 4.94
N THR C 322 -0.39 32.05 4.04
CA THR C 322 -0.79 32.23 2.64
C THR C 322 -2.27 32.47 2.49
N ASN C 323 -3.10 31.66 3.15
CA ASN C 323 -4.54 31.89 3.15
C ASN C 323 -4.90 33.30 3.65
N ALA C 324 -4.22 33.76 4.69
CA ALA C 324 -4.44 35.09 5.26
C ALA C 324 -4.05 36.21 4.26
N VAL C 325 -2.93 36.04 3.56
CA VAL C 325 -2.48 37.02 2.55
C VAL C 325 -3.39 37.02 1.31
N GLN C 326 -3.88 35.85 0.91
CA GLN C 326 -4.90 35.76 -0.13
C GLN C 326 -6.22 36.44 0.25
N ILE C 327 -6.60 36.40 1.52
CA ILE C 327 -7.81 37.13 1.94
C ILE C 327 -7.56 38.62 1.79
N ALA C 328 -6.39 39.06 2.23
CA ALA C 328 -5.99 40.45 2.21
C ALA C 328 -5.93 41.01 0.79
N GLU C 329 -5.49 40.18 -0.17
CA GLU C 329 -5.47 40.55 -1.58
C GLU C 329 -6.87 40.88 -2.11
N LEU C 330 -7.83 39.98 -1.89
CA LEU C 330 -9.21 40.20 -2.34
C LEU C 330 -9.87 41.35 -1.62
N LEU C 331 -9.49 41.55 -0.36
CA LEU C 331 -10.00 42.64 0.45
C LEU C 331 -9.61 43.99 -0.14
N VAL C 332 -8.34 44.17 -0.48
CA VAL C 332 -7.89 45.46 -1.04
C VAL C 332 -8.42 45.62 -2.47
N ARG C 333 -8.46 44.54 -3.25
CA ARG C 333 -8.95 44.61 -4.62
C ARG C 333 -10.42 45.04 -4.71
N ASP C 334 -11.29 44.35 -3.95
CA ASP C 334 -12.73 44.50 -4.07
C ASP C 334 -13.41 45.42 -3.05
N TYR C 335 -12.68 45.91 -2.05
CA TYR C 335 -13.33 46.66 -0.96
C TYR C 335 -12.68 47.97 -0.55
N PHE C 336 -11.47 48.20 -1.06
CA PHE C 336 -10.71 49.42 -0.77
C PHE C 336 -10.61 50.28 -2.02
#